data_2LR3
#
_entry.id   2LR3
#
_entity_poly.entity_id   1
_entity_poly.type   'polypeptide(L)'
_entity_poly.pdbx_seq_one_letter_code
;RTCESQSHKFKGPCASDHNCASVCQTERFSGGRCRGFRRRCFCTTHC
;
_entity_poly.pdbx_strand_id   A
#
# COMPACT_ATOMS: atom_id res chain seq x y z
N ARG A 1 -14.23 10.38 -0.67
CA ARG A 1 -13.49 10.29 -1.96
C ARG A 1 -12.48 9.15 -1.92
N THR A 2 -12.40 8.38 -3.01
CA THR A 2 -11.36 7.37 -3.14
C THR A 2 -10.00 8.07 -3.27
N CYS A 3 -9.19 7.90 -2.25
CA CYS A 3 -7.92 8.58 -2.14
C CYS A 3 -6.78 7.59 -2.13
N GLU A 4 -5.76 7.84 -2.94
CA GLU A 4 -4.60 6.95 -3.00
C GLU A 4 -3.35 7.68 -2.51
N SER A 5 -2.45 6.92 -1.92
CA SER A 5 -1.23 7.45 -1.33
C SER A 5 -0.09 6.46 -1.55
N GLN A 6 1.09 6.78 -1.03
CA GLN A 6 2.28 5.96 -1.22
C GLN A 6 2.73 5.37 0.12
N SER A 7 3.31 4.17 0.07
CA SER A 7 3.79 3.51 1.27
C SER A 7 5.31 3.39 1.23
N HIS A 8 5.97 4.31 1.91
CA HIS A 8 7.43 4.33 2.02
C HIS A 8 7.85 3.62 3.32
N LYS A 9 6.84 3.09 4.01
CA LYS A 9 7.04 2.39 5.27
C LYS A 9 7.41 0.94 4.98
N PHE A 10 6.79 0.37 3.96
CA PHE A 10 7.07 -1.00 3.54
C PHE A 10 8.53 -1.13 3.10
N LYS A 11 9.14 -2.26 3.45
CA LYS A 11 10.57 -2.47 3.22
C LYS A 11 10.87 -2.91 1.78
N GLY A 12 11.40 -1.98 0.99
CA GLY A 12 11.85 -2.30 -0.36
C GLY A 12 10.74 -2.23 -1.39
N PRO A 13 10.79 -3.07 -2.44
CA PRO A 13 9.75 -3.13 -3.47
C PRO A 13 8.55 -3.95 -3.00
N CYS A 14 7.55 -4.09 -3.87
CA CYS A 14 6.33 -4.81 -3.51
C CYS A 14 6.59 -6.31 -3.52
N ALA A 15 6.99 -6.86 -2.38
CA ALA A 15 7.14 -8.30 -2.23
C ALA A 15 5.84 -9.00 -2.63
N SER A 16 4.73 -8.53 -2.05
CA SER A 16 3.40 -9.01 -2.38
C SER A 16 2.35 -7.98 -1.95
N ASP A 17 1.33 -7.80 -2.79
CA ASP A 17 0.25 -6.83 -2.53
C ASP A 17 -0.36 -7.07 -1.16
N HIS A 18 -0.72 -8.32 -0.89
CA HIS A 18 -1.37 -8.70 0.37
C HIS A 18 -0.46 -8.37 1.55
N ASN A 19 0.85 -8.46 1.33
CA ASN A 19 1.81 -8.22 2.40
C ASN A 19 1.86 -6.73 2.73
N CYS A 20 2.05 -5.91 1.70
CA CYS A 20 2.09 -4.47 1.89
C CYS A 20 0.73 -3.97 2.38
N ALA A 21 -0.34 -4.64 1.93
CA ALA A 21 -1.68 -4.33 2.37
C ALA A 21 -1.83 -4.61 3.86
N SER A 22 -1.42 -5.81 4.27
CA SER A 22 -1.50 -6.21 5.67
C SER A 22 -0.77 -5.20 6.55
N VAL A 23 0.46 -4.87 6.16
CA VAL A 23 1.27 -3.87 6.85
C VAL A 23 0.52 -2.53 6.92
N CYS A 24 0.12 -2.04 5.76
CA CYS A 24 -0.58 -0.76 5.64
C CYS A 24 -1.88 -0.77 6.44
N GLN A 25 -2.45 -1.96 6.64
CA GLN A 25 -3.70 -2.11 7.39
C GLN A 25 -3.45 -2.32 8.88
N THR A 26 -2.27 -2.83 9.22
CA THR A 26 -1.93 -3.06 10.62
C THR A 26 -1.50 -1.75 11.28
N GLU A 27 -0.91 -0.86 10.49
CA GLU A 27 -0.51 0.45 11.01
C GLU A 27 -1.66 1.46 10.90
N ARG A 28 -2.37 1.46 9.77
CA ARG A 28 -3.43 2.45 9.52
C ARG A 28 -4.59 1.81 8.76
N PHE A 29 -5.63 2.59 8.47
CA PHE A 29 -6.75 2.10 7.68
C PHE A 29 -6.65 2.60 6.25
N SER A 30 -6.03 1.80 5.40
CA SER A 30 -5.83 2.12 4.00
C SER A 30 -5.41 0.87 3.25
N GLY A 31 -6.27 0.43 2.34
CA GLY A 31 -6.02 -0.79 1.58
C GLY A 31 -4.88 -0.63 0.59
N GLY A 32 -3.89 -1.52 0.66
CA GLY A 32 -2.67 -1.31 -0.11
C GLY A 32 -2.46 -2.35 -1.19
N ARG A 33 -1.89 -1.90 -2.30
CA ARG A 33 -1.53 -2.75 -3.43
C ARG A 33 -0.34 -2.13 -4.15
N CYS A 34 0.11 -2.77 -5.22
CA CYS A 34 1.28 -2.29 -5.95
C CYS A 34 0.90 -1.85 -7.36
N ARG A 35 1.54 -0.79 -7.83
CA ARG A 35 1.35 -0.30 -9.19
C ARG A 35 1.74 -1.40 -10.17
N GLY A 36 0.74 -2.01 -10.78
CA GLY A 36 0.97 -3.16 -11.62
C GLY A 36 1.30 -4.39 -10.79
N PHE A 37 2.56 -4.49 -10.37
CA PHE A 37 3.05 -5.58 -9.52
C PHE A 37 4.56 -5.41 -9.29
N ARG A 38 4.99 -5.63 -8.05
CA ARG A 38 6.43 -5.57 -7.68
C ARG A 38 6.99 -4.15 -7.66
N ARG A 39 6.41 -3.25 -8.45
CA ARG A 39 6.99 -1.93 -8.70
C ARG A 39 7.00 -1.05 -7.46
N ARG A 40 5.83 -0.61 -6.99
CA ARG A 40 5.76 0.33 -5.87
C ARG A 40 4.39 0.27 -5.21
N CYS A 41 4.37 0.33 -3.88
CA CYS A 41 3.14 0.09 -3.10
C CYS A 41 2.40 1.39 -2.78
N PHE A 42 1.13 1.42 -3.15
CA PHE A 42 0.25 2.54 -2.87
C PHE A 42 -0.90 2.09 -1.97
N CYS A 43 -1.35 2.98 -1.08
CA CYS A 43 -2.43 2.67 -0.15
C CYS A 43 -3.66 3.55 -0.45
N THR A 44 -4.84 2.95 -0.36
CA THR A 44 -6.08 3.62 -0.69
C THR A 44 -6.97 3.76 0.55
N THR A 45 -7.56 4.93 0.69
CA THR A 45 -8.33 5.30 1.87
C THR A 45 -9.29 6.43 1.51
N HIS A 46 -10.06 6.89 2.48
CA HIS A 46 -11.01 7.97 2.26
C HIS A 46 -10.46 9.31 2.77
N CYS A 47 -9.96 10.12 1.86
CA CYS A 47 -9.49 11.46 2.18
C CYS A 47 -10.63 12.46 1.96
N ARG A 1 -14.30 9.36 -5.82
CA ARG A 1 -13.01 9.96 -5.43
C ARG A 1 -12.09 8.91 -4.81
N THR A 2 -10.95 8.66 -5.45
CA THR A 2 -9.95 7.76 -4.90
C THR A 2 -8.94 8.55 -4.08
N CYS A 3 -8.74 8.14 -2.84
CA CYS A 3 -7.79 8.79 -1.95
C CYS A 3 -6.68 7.81 -1.61
N GLU A 4 -5.54 7.93 -2.29
CA GLU A 4 -4.46 6.97 -2.09
C GLU A 4 -3.21 7.64 -1.52
N SER A 5 -2.56 6.92 -0.61
CA SER A 5 -1.29 7.30 -0.02
C SER A 5 -0.24 6.25 -0.39
N GLN A 6 0.92 6.33 0.23
CA GLN A 6 2.00 5.36 -0.02
C GLN A 6 2.27 4.57 1.26
N SER A 7 2.96 3.44 1.13
CA SER A 7 3.35 2.64 2.29
C SER A 7 4.86 2.66 2.44
N HIS A 8 5.32 2.74 3.67
CA HIS A 8 6.74 2.81 3.97
C HIS A 8 7.09 1.93 5.18
N LYS A 9 6.10 1.18 5.66
CA LYS A 9 6.32 0.25 6.75
C LYS A 9 6.61 -1.15 6.20
N PHE A 10 5.98 -1.46 5.05
CA PHE A 10 6.17 -2.76 4.42
C PHE A 10 7.62 -2.93 3.96
N LYS A 11 8.17 -4.13 4.19
CA LYS A 11 9.53 -4.45 3.81
C LYS A 11 9.58 -5.00 2.39
N GLY A 12 10.40 -4.36 1.55
CA GLY A 12 10.58 -4.82 0.18
C GLY A 12 9.64 -4.14 -0.79
N PRO A 13 10.11 -3.78 -2.00
CA PRO A 13 9.28 -3.12 -3.00
C PRO A 13 8.25 -4.08 -3.60
N CYS A 14 7.10 -4.19 -2.94
CA CYS A 14 5.99 -5.02 -3.42
C CYS A 14 6.38 -6.51 -3.41
N ALA A 15 7.17 -6.90 -2.41
CA ALA A 15 7.61 -8.29 -2.26
C ALA A 15 6.44 -9.26 -2.30
N SER A 16 5.36 -8.89 -1.62
CA SER A 16 4.12 -9.65 -1.66
C SER A 16 2.95 -8.69 -1.50
N ASP A 17 2.00 -8.72 -2.43
CA ASP A 17 0.91 -7.74 -2.47
C ASP A 17 -0.01 -7.84 -1.26
N HIS A 18 -0.34 -9.05 -0.86
CA HIS A 18 -1.23 -9.25 0.29
C HIS A 18 -0.55 -8.73 1.55
N ASN A 19 0.69 -9.16 1.74
CA ASN A 19 1.50 -8.73 2.86
C ASN A 19 1.59 -7.22 2.89
N CYS A 20 1.86 -6.64 1.71
CA CYS A 20 1.91 -5.20 1.53
C CYS A 20 0.62 -4.55 2.04
N ALA A 21 -0.51 -5.11 1.63
CA ALA A 21 -1.82 -4.61 2.02
C ALA A 21 -1.99 -4.66 3.54
N SER A 22 -1.66 -5.81 4.12
CA SER A 22 -1.83 -6.03 5.55
C SER A 22 -1.01 -5.01 6.35
N VAL A 23 0.28 -4.94 6.06
CA VAL A 23 1.19 -4.05 6.78
C VAL A 23 0.79 -2.58 6.58
N CYS A 24 0.37 -2.24 5.37
CA CYS A 24 -0.06 -0.88 5.07
C CYS A 24 -1.32 -0.54 5.86
N GLN A 25 -2.23 -1.51 5.98
CA GLN A 25 -3.47 -1.30 6.73
C GLN A 25 -3.19 -1.21 8.23
N THR A 26 -2.16 -1.92 8.69
CA THR A 26 -1.78 -1.88 10.09
C THR A 26 -1.14 -0.54 10.43
N GLU A 27 -0.35 0.03 9.49
CA GLU A 27 0.22 1.36 9.72
C GLU A 27 -0.85 2.45 9.56
N ARG A 28 -1.60 2.41 8.46
CA ARG A 28 -2.68 3.37 8.19
C ARG A 28 -3.89 2.66 7.58
N PHE A 29 -5.10 3.01 8.01
CA PHE A 29 -6.31 2.44 7.43
C PHE A 29 -6.43 2.84 5.97
N SER A 30 -5.89 1.98 5.11
CA SER A 30 -5.86 2.20 3.69
C SER A 30 -5.46 0.89 3.00
N GLY A 31 -6.37 0.37 2.19
CA GLY A 31 -6.13 -0.88 1.49
C GLY A 31 -4.92 -0.79 0.58
N GLY A 32 -4.09 -1.82 0.54
CA GLY A 32 -2.77 -1.66 -0.06
C GLY A 32 -2.59 -2.48 -1.32
N ARG A 33 -2.14 -1.80 -2.37
CA ARG A 33 -1.82 -2.42 -3.66
C ARG A 33 -0.49 -1.88 -4.15
N CYS A 34 0.03 -2.46 -5.22
CA CYS A 34 1.30 -1.99 -5.80
C CYS A 34 1.05 -1.44 -7.19
N ARG A 35 1.70 -0.32 -7.50
CA ARG A 35 1.70 0.21 -8.86
C ARG A 35 2.69 -0.60 -9.70
N GLY A 36 2.23 -1.10 -10.85
CA GLY A 36 3.03 -2.01 -11.65
C GLY A 36 4.40 -1.48 -12.00
N PHE A 37 4.45 -0.51 -12.89
CA PHE A 37 5.71 0.03 -13.41
C PHE A 37 6.43 0.85 -12.35
N ARG A 38 5.65 1.47 -11.47
CA ARG A 38 6.19 2.24 -10.36
C ARG A 38 6.84 1.31 -9.33
N ARG A 39 6.33 0.07 -9.28
CA ARG A 39 6.82 -0.96 -8.36
C ARG A 39 6.95 -0.39 -6.93
N ARG A 40 5.82 -0.01 -6.36
CA ARG A 40 5.77 0.50 -5.00
C ARG A 40 4.36 0.38 -4.43
N CYS A 41 4.29 0.15 -3.12
CA CYS A 41 3.02 0.02 -2.42
C CYS A 41 2.32 1.37 -2.25
N PHE A 42 1.17 1.51 -2.90
CA PHE A 42 0.28 2.64 -2.71
C PHE A 42 -1.06 2.11 -2.22
N CYS A 43 -1.65 2.80 -1.26
CA CYS A 43 -2.83 2.31 -0.57
C CYS A 43 -3.99 3.30 -0.70
N THR A 44 -5.21 2.79 -0.70
CA THR A 44 -6.39 3.60 -0.90
C THR A 44 -7.26 3.62 0.35
N THR A 45 -7.86 4.77 0.61
CA THR A 45 -8.65 4.99 1.82
C THR A 45 -9.86 5.84 1.50
N HIS A 46 -10.67 6.12 2.51
CA HIS A 46 -11.94 6.80 2.32
C HIS A 46 -11.80 8.28 2.67
N CYS A 47 -11.66 9.12 1.64
CA CYS A 47 -11.60 10.57 1.82
C CYS A 47 -12.78 11.22 1.10
N ARG A 1 -14.38 10.98 0.67
CA ARG A 1 -13.88 10.61 -0.68
C ARG A 1 -12.76 9.59 -0.56
N THR A 2 -12.57 8.80 -1.61
CA THR A 2 -11.45 7.87 -1.68
C THR A 2 -10.15 8.63 -1.92
N CYS A 3 -9.19 8.44 -1.04
CA CYS A 3 -7.90 9.10 -1.11
C CYS A 3 -6.82 8.08 -1.36
N GLU A 4 -5.76 8.49 -2.05
CA GLU A 4 -4.65 7.60 -2.35
C GLU A 4 -3.39 8.10 -1.65
N SER A 5 -2.51 7.15 -1.31
CA SER A 5 -1.28 7.45 -0.60
C SER A 5 -0.24 6.39 -0.96
N GLN A 6 0.88 6.39 -0.25
CA GLN A 6 1.94 5.42 -0.47
C GLN A 6 2.44 4.88 0.86
N SER A 7 3.04 3.70 0.84
CA SER A 7 3.58 3.09 2.04
C SER A 7 5.11 3.00 1.93
N HIS A 8 5.78 3.66 2.86
CA HIS A 8 7.24 3.63 2.95
C HIS A 8 7.66 2.86 4.19
N LYS A 9 6.68 2.44 4.96
CA LYS A 9 6.90 1.66 6.18
C LYS A 9 7.21 0.21 5.81
N PHE A 10 6.71 -0.21 4.66
CA PHE A 10 6.94 -1.56 4.16
C PHE A 10 8.41 -1.73 3.75
N LYS A 11 8.85 -2.98 3.67
CA LYS A 11 10.25 -3.30 3.36
C LYS A 11 10.44 -3.54 1.87
N GLY A 12 11.09 -2.60 1.20
CA GLY A 12 11.38 -2.74 -0.22
C GLY A 12 10.15 -2.48 -1.08
N PRO A 13 10.13 -3.00 -2.33
CA PRO A 13 8.99 -2.89 -3.23
C PRO A 13 7.93 -3.96 -2.95
N CYS A 14 6.88 -3.96 -3.75
CA CYS A 14 5.80 -4.93 -3.61
C CYS A 14 6.29 -6.34 -3.89
N ALA A 15 6.78 -7.00 -2.85
CA ALA A 15 7.23 -8.39 -2.95
C ALA A 15 6.05 -9.34 -2.80
N SER A 16 5.08 -8.96 -1.97
CA SER A 16 3.89 -9.77 -1.73
C SER A 16 2.67 -8.87 -1.54
N ASP A 17 1.60 -9.16 -2.27
CA ASP A 17 0.38 -8.38 -2.25
C ASP A 17 -0.22 -8.32 -0.85
N HIS A 18 -0.51 -9.50 -0.30
CA HIS A 18 -1.13 -9.62 1.02
C HIS A 18 -0.28 -8.92 2.08
N ASN A 19 1.02 -9.18 2.02
CA ASN A 19 1.96 -8.64 3.01
C ASN A 19 1.94 -7.11 2.99
N CYS A 20 2.12 -6.53 1.81
CA CYS A 20 2.14 -5.08 1.66
C CYS A 20 0.83 -4.47 2.14
N ALA A 21 -0.28 -5.08 1.72
CA ALA A 21 -1.61 -4.62 2.10
C ALA A 21 -1.79 -4.68 3.61
N SER A 22 -1.37 -5.78 4.21
CA SER A 22 -1.50 -5.99 5.66
C SER A 22 -0.72 -4.92 6.42
N VAL A 23 0.51 -4.70 5.99
CA VAL A 23 1.37 -3.70 6.61
C VAL A 23 0.72 -2.31 6.56
N CYS A 24 0.24 -1.93 5.38
CA CYS A 24 -0.43 -0.64 5.21
C CYS A 24 -1.69 -0.58 6.07
N GLN A 25 -2.47 -1.66 6.07
CA GLN A 25 -3.73 -1.71 6.83
C GLN A 25 -3.46 -1.62 8.34
N THR A 26 -2.34 -2.20 8.78
CA THR A 26 -2.01 -2.21 10.20
C THR A 26 -1.54 -0.83 10.65
N GLU A 27 -0.71 -0.16 9.82
CA GLU A 27 -0.25 1.18 10.17
C GLU A 27 -1.40 2.19 10.08
N ARG A 28 -2.30 1.99 9.11
CA ARG A 28 -3.53 2.78 9.00
C ARG A 28 -4.43 2.20 7.91
N PHE A 29 -5.66 1.83 8.29
CA PHE A 29 -6.62 1.19 7.37
C PHE A 29 -6.65 1.88 6.01
N SER A 30 -5.98 1.24 5.05
CA SER A 30 -5.85 1.72 3.70
C SER A 30 -5.51 0.54 2.81
N GLY A 31 -6.40 0.25 1.88
CA GLY A 31 -6.19 -0.84 0.94
C GLY A 31 -4.82 -0.79 0.30
N GLY A 32 -4.25 -1.95 -0.02
CA GLY A 32 -2.87 -2.00 -0.48
C GLY A 32 -2.77 -2.47 -1.92
N ARG A 33 -2.25 -1.60 -2.77
CA ARG A 33 -2.11 -1.88 -4.20
C ARG A 33 -0.65 -1.70 -4.62
N CYS A 34 -0.25 -2.36 -5.69
CA CYS A 34 1.15 -2.32 -6.13
C CYS A 34 1.24 -1.65 -7.49
N ARG A 35 1.78 -0.42 -7.50
CA ARG A 35 1.88 0.38 -8.71
C ARG A 35 3.26 1.04 -8.76
N GLY A 36 3.82 1.20 -9.96
CA GLY A 36 5.13 1.80 -10.11
C GLY A 36 6.06 0.94 -10.93
N PHE A 37 7.18 1.52 -11.36
CA PHE A 37 8.17 0.83 -12.19
C PHE A 37 8.63 -0.48 -11.52
N ARG A 38 8.83 -0.44 -10.21
CA ARG A 38 9.25 -1.62 -9.45
C ARG A 38 8.12 -2.11 -8.56
N ARG A 39 6.89 -1.75 -8.93
CA ARG A 39 5.71 -2.06 -8.13
C ARG A 39 5.86 -1.51 -6.72
N ARG A 40 5.65 -0.20 -6.56
CA ARG A 40 5.69 0.40 -5.24
C ARG A 40 4.35 0.22 -4.54
N CYS A 41 4.37 0.29 -3.21
CA CYS A 41 3.18 0.06 -2.41
C CYS A 41 2.38 1.35 -2.29
N PHE A 42 1.22 1.41 -2.94
CA PHE A 42 0.33 2.56 -2.86
C PHE A 42 -0.96 2.14 -2.18
N CYS A 43 -1.47 3.00 -1.31
CA CYS A 43 -2.61 2.66 -0.47
C CYS A 43 -3.83 3.50 -0.82
N THR A 44 -4.99 2.88 -0.75
CA THR A 44 -6.26 3.56 -0.98
C THR A 44 -7.09 3.56 0.30
N THR A 45 -7.36 4.76 0.78
CA THR A 45 -8.07 4.98 2.02
C THR A 45 -9.29 5.86 1.77
N HIS A 46 -10.05 6.15 2.81
CA HIS A 46 -11.24 7.00 2.68
C HIS A 46 -11.18 8.18 3.66
N CYS A 47 -11.10 9.38 3.11
CA CYS A 47 -11.06 10.60 3.90
C CYS A 47 -12.48 10.99 4.31
N ARG A 1 -14.38 11.50 -4.77
CA ARG A 1 -12.90 11.57 -4.62
C ARG A 1 -12.39 10.39 -3.80
N THR A 2 -11.29 9.81 -4.25
CA THR A 2 -10.61 8.75 -3.50
C THR A 2 -9.53 9.38 -2.62
N CYS A 3 -9.12 8.68 -1.58
CA CYS A 3 -8.00 9.12 -0.76
C CYS A 3 -6.87 8.11 -0.88
N GLU A 4 -5.89 8.43 -1.71
CA GLU A 4 -4.80 7.51 -2.04
C GLU A 4 -3.45 8.12 -1.66
N SER A 5 -2.49 7.25 -1.38
CA SER A 5 -1.14 7.67 -1.01
C SER A 5 -0.15 6.54 -1.28
N GLN A 6 1.08 6.70 -0.81
CA GLN A 6 2.13 5.70 -0.99
C GLN A 6 2.67 5.24 0.36
N SER A 7 3.01 3.96 0.46
CA SER A 7 3.52 3.39 1.71
C SER A 7 4.97 2.95 1.54
N HIS A 8 5.80 3.29 2.54
CA HIS A 8 7.23 2.96 2.51
C HIS A 8 7.64 2.21 3.77
N LYS A 9 6.65 1.87 4.61
CA LYS A 9 6.89 1.05 5.78
C LYS A 9 7.28 -0.35 5.35
N PHE A 10 6.69 -0.77 4.23
CA PHE A 10 6.92 -2.09 3.65
C PHE A 10 8.40 -2.27 3.31
N LYS A 11 8.90 -3.49 3.51
CA LYS A 11 10.32 -3.78 3.34
C LYS A 11 10.65 -4.07 1.88
N GLY A 12 11.47 -3.20 1.30
CA GLY A 12 11.92 -3.37 -0.08
C GLY A 12 10.81 -3.25 -1.10
N PRO A 13 11.00 -3.83 -2.30
CA PRO A 13 10.00 -3.83 -3.36
C PRO A 13 8.86 -4.80 -3.07
N CYS A 14 7.75 -4.65 -3.81
CA CYS A 14 6.56 -5.46 -3.59
C CYS A 14 6.84 -6.95 -3.83
N ALA A 15 7.32 -7.63 -2.80
CA ALA A 15 7.53 -9.08 -2.87
C ALA A 15 6.19 -9.79 -2.79
N SER A 16 5.30 -9.27 -1.96
CA SER A 16 3.95 -9.81 -1.80
C SER A 16 2.95 -8.67 -1.64
N ASP A 17 2.03 -8.57 -2.59
CA ASP A 17 0.96 -7.57 -2.54
C ASP A 17 0.11 -7.77 -1.28
N HIS A 18 -0.08 -9.03 -0.90
CA HIS A 18 -0.89 -9.37 0.27
C HIS A 18 -0.22 -8.86 1.53
N ASN A 19 1.10 -9.05 1.60
CA ASN A 19 1.88 -8.58 2.75
C ASN A 19 1.87 -7.07 2.80
N CYS A 20 2.10 -6.45 1.65
CA CYS A 20 2.04 -5.00 1.52
C CYS A 20 0.69 -4.47 1.99
N ALA A 21 -0.38 -5.16 1.61
CA ALA A 21 -1.73 -4.80 2.00
C ALA A 21 -1.88 -4.83 3.52
N SER A 22 -1.51 -5.96 4.11
CA SER A 22 -1.64 -6.16 5.55
C SER A 22 -0.88 -5.06 6.31
N VAL A 23 0.36 -4.81 5.89
CA VAL A 23 1.19 -3.77 6.49
C VAL A 23 0.51 -2.41 6.41
N CYS A 24 0.07 -2.04 5.21
CA CYS A 24 -0.61 -0.77 4.99
C CYS A 24 -1.88 -0.67 5.85
N GLN A 25 -2.56 -1.80 6.03
CA GLN A 25 -3.79 -1.84 6.82
C GLN A 25 -3.49 -1.70 8.31
N THR A 26 -2.34 -2.20 8.74
CA THR A 26 -1.93 -2.06 10.13
C THR A 26 -1.46 -0.62 10.39
N GLU A 27 -0.94 0.03 9.36
CA GLU A 27 -0.54 1.43 9.46
C GLU A 27 -1.76 2.33 9.70
N ARG A 28 -2.53 2.60 8.64
CA ARG A 28 -3.68 3.50 8.72
C ARG A 28 -4.72 3.19 7.65
N PHE A 29 -4.26 2.88 6.45
CA PHE A 29 -5.13 2.79 5.29
C PHE A 29 -5.96 1.50 5.31
N SER A 30 -7.13 1.54 4.69
CA SER A 30 -8.02 0.38 4.65
C SER A 30 -7.64 -0.54 3.50
N GLY A 31 -6.96 0.01 2.50
CA GLY A 31 -6.54 -0.78 1.35
C GLY A 31 -5.09 -0.52 1.00
N GLY A 32 -4.42 -1.53 0.47
CA GLY A 32 -3.04 -1.39 0.05
C GLY A 32 -2.68 -2.42 -0.99
N ARG A 33 -1.94 -2.01 -2.01
CA ARG A 33 -1.51 -2.90 -3.07
C ARG A 33 -0.39 -2.24 -3.88
N CYS A 34 0.11 -2.90 -4.91
CA CYS A 34 1.32 -2.45 -5.59
C CYS A 34 1.00 -2.04 -7.02
N ARG A 35 1.58 -0.91 -7.43
CA ARG A 35 1.25 -0.28 -8.71
C ARG A 35 1.78 -1.09 -9.90
N GLY A 36 0.85 -1.65 -10.65
CA GLY A 36 1.15 -2.37 -11.89
C GLY A 36 2.41 -3.20 -11.84
N PHE A 37 3.39 -2.81 -12.65
CA PHE A 37 4.67 -3.49 -12.70
C PHE A 37 5.74 -2.72 -11.93
N ARG A 38 5.36 -1.56 -11.40
CA ARG A 38 6.29 -0.68 -10.69
C ARG A 38 6.77 -1.35 -9.40
N ARG A 39 5.94 -2.24 -8.85
CA ARG A 39 6.26 -2.98 -7.63
C ARG A 39 6.42 -2.02 -6.43
N ARG A 40 5.84 -0.83 -6.55
CA ARG A 40 5.83 0.15 -5.47
C ARG A 40 4.50 0.09 -4.73
N CYS A 41 4.57 0.09 -3.40
CA CYS A 41 3.37 0.01 -2.56
C CYS A 41 2.62 1.35 -2.50
N PHE A 42 1.38 1.34 -2.96
CA PHE A 42 0.45 2.46 -2.80
C PHE A 42 -0.73 2.01 -1.94
N CYS A 43 -1.41 2.97 -1.35
CA CYS A 43 -2.48 2.67 -0.41
C CYS A 43 -3.75 3.45 -0.75
N THR A 44 -4.88 2.82 -0.48
CA THR A 44 -6.19 3.42 -0.72
C THR A 44 -7.00 3.51 0.57
N THR A 45 -7.70 4.63 0.72
CA THR A 45 -8.55 4.86 1.88
C THR A 45 -9.59 5.93 1.53
N HIS A 46 -10.44 6.26 2.49
CA HIS A 46 -11.45 7.31 2.29
C HIS A 46 -11.19 8.48 3.22
N CYS A 47 -11.17 9.68 2.66
CA CYS A 47 -10.92 10.89 3.43
C CYS A 47 -11.96 11.96 3.07
N ARG A 1 -15.11 9.55 -4.50
CA ARG A 1 -14.36 10.37 -3.52
C ARG A 1 -13.43 9.48 -2.68
N THR A 2 -12.23 9.26 -3.19
CA THR A 2 -11.23 8.44 -2.52
C THR A 2 -9.85 9.08 -2.68
N CYS A 3 -9.02 8.95 -1.67
CA CYS A 3 -7.65 9.48 -1.69
C CYS A 3 -6.65 8.32 -1.63
N GLU A 4 -5.56 8.46 -2.36
CA GLU A 4 -4.53 7.42 -2.42
C GLU A 4 -3.16 8.02 -2.13
N SER A 5 -2.29 7.21 -1.55
CA SER A 5 -0.92 7.62 -1.26
C SER A 5 0.02 6.45 -1.52
N GLN A 6 1.31 6.65 -1.24
CA GLN A 6 2.32 5.64 -1.53
C GLN A 6 2.91 5.12 -0.23
N SER A 7 3.29 3.85 -0.20
CA SER A 7 3.72 3.20 1.02
C SER A 7 5.19 2.82 0.91
N HIS A 8 6.04 3.65 1.51
CA HIS A 8 7.48 3.45 1.51
C HIS A 8 7.97 3.15 2.92
N LYS A 9 7.04 2.71 3.77
CA LYS A 9 7.37 2.23 5.11
C LYS A 9 7.77 0.76 5.04
N PHE A 10 7.22 0.08 4.03
CA PHE A 10 7.53 -1.31 3.78
C PHE A 10 8.97 -1.45 3.30
N LYS A 11 9.64 -2.51 3.73
CA LYS A 11 11.03 -2.73 3.40
C LYS A 11 11.18 -3.23 1.95
N GLY A 12 11.75 -2.38 1.10
CA GLY A 12 11.99 -2.74 -0.28
C GLY A 12 10.95 -2.17 -1.23
N PRO A 13 11.13 -2.34 -2.55
CA PRO A 13 10.21 -1.80 -3.57
C PRO A 13 8.93 -2.63 -3.71
N CYS A 14 8.38 -3.05 -2.57
CA CYS A 14 7.20 -3.90 -2.54
C CYS A 14 7.49 -5.26 -3.16
N ALA A 15 7.57 -6.29 -2.32
CA ALA A 15 7.82 -7.65 -2.76
C ALA A 15 6.51 -8.39 -2.99
N SER A 16 5.67 -8.43 -1.95
CA SER A 16 4.41 -9.14 -2.00
C SER A 16 3.24 -8.20 -1.74
N ASP A 17 2.31 -8.18 -2.70
CA ASP A 17 1.10 -7.34 -2.65
C ASP A 17 0.42 -7.45 -1.29
N HIS A 18 0.03 -8.68 -0.93
CA HIS A 18 -0.69 -8.94 0.32
C HIS A 18 0.07 -8.41 1.52
N ASN A 19 1.38 -8.60 1.51
CA ASN A 19 2.21 -8.23 2.66
C ASN A 19 2.26 -6.73 2.84
N CYS A 20 2.50 -5.99 1.77
CA CYS A 20 2.54 -4.54 1.85
C CYS A 20 1.16 -4.00 2.26
N ALA A 21 0.13 -4.62 1.68
CA ALA A 21 -1.25 -4.27 1.99
C ALA A 21 -1.55 -4.49 3.47
N SER A 22 -1.18 -5.67 3.98
CA SER A 22 -1.45 -6.04 5.36
C SER A 22 -0.73 -5.08 6.31
N VAL A 23 0.53 -4.74 5.98
CA VAL A 23 1.29 -3.76 6.75
C VAL A 23 0.53 -2.43 6.83
N CYS A 24 0.13 -1.94 5.67
CA CYS A 24 -0.64 -0.69 5.57
C CYS A 24 -1.93 -0.81 6.39
N GLN A 25 -2.50 -2.01 6.41
CA GLN A 25 -3.74 -2.28 7.14
C GLN A 25 -3.50 -2.39 8.65
N THR A 26 -2.32 -2.86 9.04
CA THR A 26 -1.99 -3.02 10.45
C THR A 26 -1.67 -1.69 11.10
N GLU A 27 -1.04 -0.79 10.33
CA GLU A 27 -0.74 0.55 10.84
C GLU A 27 -1.99 1.43 10.86
N ARG A 28 -2.70 1.48 9.73
CA ARG A 28 -3.92 2.29 9.60
C ARG A 28 -4.95 1.57 8.74
N PHE A 29 -6.06 2.24 8.46
CA PHE A 29 -7.10 1.69 7.61
C PHE A 29 -7.05 2.34 6.24
N SER A 30 -6.44 1.63 5.30
CA SER A 30 -6.23 2.12 3.95
C SER A 30 -5.89 0.93 3.06
N GLY A 31 -6.80 0.62 2.14
CA GLY A 31 -6.63 -0.53 1.26
C GLY A 31 -5.38 -0.42 0.40
N GLY A 32 -4.50 -1.40 0.50
CA GLY A 32 -3.21 -1.30 -0.16
C GLY A 32 -3.02 -2.31 -1.27
N ARG A 33 -2.24 -1.93 -2.27
CA ARG A 33 -1.92 -2.79 -3.42
C ARG A 33 -0.50 -2.53 -3.88
N CYS A 34 -0.01 -3.40 -4.76
CA CYS A 34 1.35 -3.30 -5.29
C CYS A 34 1.29 -3.00 -6.79
N ARG A 35 1.49 -1.73 -7.13
CA ARG A 35 1.34 -1.25 -8.51
C ARG A 35 2.22 -0.02 -8.70
N GLY A 36 2.57 0.27 -9.95
CA GLY A 36 3.39 1.43 -10.25
C GLY A 36 4.03 1.32 -11.61
N PHE A 37 5.21 1.93 -11.78
CA PHE A 37 5.97 1.81 -13.02
C PHE A 37 6.38 0.35 -13.23
N ARG A 38 7.10 -0.18 -12.25
CA ARG A 38 7.48 -1.58 -12.23
C ARG A 38 6.88 -2.24 -10.99
N ARG A 39 7.29 -1.74 -9.81
CA ARG A 39 6.83 -2.26 -8.53
C ARG A 39 6.85 -1.16 -7.46
N ARG A 40 5.66 -0.75 -7.05
CA ARG A 40 5.48 0.19 -5.94
C ARG A 40 4.27 -0.21 -5.12
N CYS A 41 4.04 0.49 -4.04
CA CYS A 41 2.95 0.17 -3.12
C CYS A 41 2.12 1.41 -2.86
N PHE A 42 0.79 1.27 -2.94
CA PHE A 42 -0.12 2.41 -2.77
C PHE A 42 -1.30 2.01 -1.87
N CYS A 43 -1.71 2.95 -1.01
CA CYS A 43 -2.84 2.71 -0.11
C CYS A 43 -3.99 3.67 -0.45
N THR A 44 -5.22 3.23 -0.19
CA THR A 44 -6.41 3.99 -0.56
C THR A 44 -7.40 4.05 0.61
N THR A 45 -7.85 5.27 0.92
CA THR A 45 -8.86 5.50 1.95
C THR A 45 -9.81 6.61 1.50
N HIS A 46 -10.95 6.73 2.18
CA HIS A 46 -11.98 7.68 1.76
C HIS A 46 -11.73 9.08 2.33
N CYS A 47 -11.97 10.09 1.50
CA CYS A 47 -11.91 11.49 1.92
C CYS A 47 -13.32 12.06 1.96
N ARG A 1 -14.22 12.16 -1.84
CA ARG A 1 -14.07 10.93 -2.67
C ARG A 1 -12.99 10.03 -2.08
N THR A 2 -12.69 8.94 -2.78
CA THR A 2 -11.61 8.05 -2.39
C THR A 2 -10.26 8.62 -2.83
N CYS A 3 -9.30 8.62 -1.92
CA CYS A 3 -7.96 9.16 -2.18
C CYS A 3 -6.92 8.06 -2.06
N GLU A 4 -5.76 8.25 -2.68
CA GLU A 4 -4.69 7.26 -2.60
C GLU A 4 -3.40 7.90 -2.09
N SER A 5 -2.47 7.06 -1.65
CA SER A 5 -1.19 7.48 -1.14
C SER A 5 -0.13 6.46 -1.55
N GLN A 6 1.13 6.74 -1.25
CA GLN A 6 2.22 5.87 -1.63
C GLN A 6 2.87 5.27 -0.38
N SER A 7 3.32 4.04 -0.48
CA SER A 7 3.93 3.36 0.65
C SER A 7 5.41 3.08 0.38
N HIS A 8 6.26 3.83 1.06
CA HIS A 8 7.70 3.58 1.05
C HIS A 8 8.14 3.12 2.44
N LYS A 9 7.15 2.80 3.27
CA LYS A 9 7.39 2.19 4.57
C LYS A 9 7.73 0.71 4.35
N PHE A 10 6.97 0.08 3.45
CA PHE A 10 7.24 -1.29 3.04
C PHE A 10 8.62 -1.36 2.38
N LYS A 11 9.43 -2.31 2.80
CA LYS A 11 10.80 -2.44 2.31
C LYS A 11 11.02 -3.80 1.68
N GLY A 12 11.77 -3.81 0.58
CA GLY A 12 12.07 -5.06 -0.12
C GLY A 12 11.40 -5.14 -1.48
N PRO A 13 11.23 -6.35 -2.02
CA PRO A 13 10.55 -6.56 -3.31
C PRO A 13 9.03 -6.46 -3.16
N CYS A 14 8.43 -5.46 -3.80
CA CYS A 14 7.00 -5.26 -3.72
C CYS A 14 6.29 -6.21 -4.68
N ALA A 15 6.34 -7.49 -4.35
CA ALA A 15 5.66 -8.52 -5.12
C ALA A 15 4.46 -9.03 -4.33
N SER A 16 4.66 -9.20 -3.03
CA SER A 16 3.58 -9.61 -2.14
C SER A 16 2.70 -8.41 -1.79
N ASP A 17 1.78 -8.09 -2.70
CA ASP A 17 0.85 -6.98 -2.52
C ASP A 17 0.05 -7.17 -1.24
N HIS A 18 -0.29 -8.42 -0.95
CA HIS A 18 -1.06 -8.72 0.25
C HIS A 18 -0.23 -8.40 1.49
N ASN A 19 1.08 -8.63 1.37
CA ASN A 19 1.99 -8.37 2.48
C ASN A 19 2.06 -6.87 2.74
N CYS A 20 2.28 -6.09 1.69
CA CYS A 20 2.30 -4.64 1.83
C CYS A 20 0.94 -4.13 2.31
N ALA A 21 -0.12 -4.77 1.81
CA ALA A 21 -1.48 -4.42 2.22
C ALA A 21 -1.68 -4.68 3.70
N SER A 22 -1.27 -5.86 4.15
CA SER A 22 -1.39 -6.25 5.55
C SER A 22 -0.70 -5.22 6.43
N VAL A 23 0.55 -4.90 6.08
CA VAL A 23 1.33 -3.89 6.77
C VAL A 23 0.57 -2.55 6.83
N CYS A 24 0.14 -2.08 5.66
CA CYS A 24 -0.58 -0.82 5.55
C CYS A 24 -1.86 -0.85 6.40
N GLN A 25 -2.50 -2.02 6.45
CA GLN A 25 -3.75 -2.19 7.19
C GLN A 25 -3.49 -2.30 8.70
N THR A 26 -2.33 -2.83 9.08
CA THR A 26 -1.99 -2.94 10.50
C THR A 26 -1.57 -1.59 11.04
N GLU A 27 -1.01 -0.75 10.17
CA GLU A 27 -0.61 0.59 10.56
C GLU A 27 -1.80 1.56 10.56
N ARG A 28 -2.43 1.76 9.41
CA ARG A 28 -3.50 2.74 9.28
C ARG A 28 -4.74 2.14 8.63
N PHE A 29 -5.78 2.97 8.49
CA PHE A 29 -6.98 2.58 7.77
C PHE A 29 -6.88 3.02 6.32
N SER A 30 -6.31 2.14 5.52
CA SER A 30 -6.03 2.39 4.13
C SER A 30 -5.72 1.07 3.44
N GLY A 31 -6.56 0.71 2.48
CA GLY A 31 -6.38 -0.52 1.72
C GLY A 31 -5.06 -0.53 0.98
N GLY A 32 -4.49 -1.70 0.76
CA GLY A 32 -3.16 -1.79 0.18
C GLY A 32 -3.16 -2.42 -1.19
N ARG A 33 -2.26 -1.95 -2.05
CA ARG A 33 -2.12 -2.46 -3.41
C ARG A 33 -0.75 -2.05 -3.96
N CYS A 34 -0.12 -2.91 -4.75
CA CYS A 34 1.19 -2.62 -5.30
C CYS A 34 1.09 -2.51 -6.82
N ARG A 35 1.50 -1.37 -7.36
CA ARG A 35 1.34 -1.11 -8.79
C ARG A 35 2.47 -1.76 -9.58
N GLY A 36 2.08 -2.55 -10.58
CA GLY A 36 3.02 -3.40 -11.29
C GLY A 36 3.80 -2.68 -12.37
N PHE A 37 4.64 -1.74 -11.97
CA PHE A 37 5.63 -1.17 -12.87
C PHE A 37 6.93 -1.95 -12.70
N ARG A 38 7.76 -1.55 -11.74
CA ARG A 38 8.89 -2.33 -11.30
C ARG A 38 8.61 -2.83 -9.88
N ARG A 39 8.34 -1.88 -8.98
CA ARG A 39 7.91 -2.19 -7.62
C ARG A 39 7.62 -0.89 -6.87
N ARG A 40 6.35 -0.64 -6.57
CA ARG A 40 5.95 0.52 -5.79
C ARG A 40 4.57 0.28 -5.19
N CYS A 41 4.49 0.31 -3.87
CA CYS A 41 3.25 0.03 -3.17
C CYS A 41 2.47 1.32 -2.93
N PHE A 42 1.15 1.18 -2.84
CA PHE A 42 0.24 2.30 -2.68
C PHE A 42 -0.89 1.91 -1.71
N CYS A 43 -1.43 2.90 -1.01
CA CYS A 43 -2.54 2.67 -0.09
C CYS A 43 -3.72 3.58 -0.45
N THR A 44 -4.93 3.05 -0.42
CA THR A 44 -6.11 3.80 -0.76
C THR A 44 -7.03 3.95 0.47
N THR A 45 -7.62 5.13 0.60
CA THR A 45 -8.45 5.46 1.76
C THR A 45 -9.58 6.41 1.35
N HIS A 46 -10.41 6.79 2.31
CA HIS A 46 -11.60 7.59 2.03
C HIS A 46 -11.46 9.00 2.62
N CYS A 47 -11.49 10.01 1.76
CA CYS A 47 -11.43 11.41 2.20
C CYS A 47 -12.85 11.89 2.55
N ARG A 1 -15.36 9.40 -2.29
CA ARG A 1 -14.19 10.24 -1.96
C ARG A 1 -13.08 9.39 -1.37
N THR A 2 -12.32 8.74 -2.24
CA THR A 2 -11.22 7.86 -1.85
C THR A 2 -9.89 8.40 -2.37
N CYS A 3 -8.88 8.39 -1.51
CA CYS A 3 -7.55 8.89 -1.86
C CYS A 3 -6.54 7.74 -1.84
N GLU A 4 -5.68 7.70 -2.86
CA GLU A 4 -4.64 6.68 -2.93
C GLU A 4 -3.26 7.31 -2.82
N SER A 5 -2.63 7.08 -1.69
CA SER A 5 -1.29 7.59 -1.41
C SER A 5 -0.27 6.47 -1.62
N GLN A 6 0.98 6.71 -1.20
CA GLN A 6 2.05 5.74 -1.38
C GLN A 6 2.52 5.24 -0.01
N SER A 7 3.18 4.10 0.01
CA SER A 7 3.57 3.47 1.27
C SER A 7 5.09 3.46 1.41
N HIS A 8 5.59 4.02 2.50
CA HIS A 8 7.02 4.11 2.77
C HIS A 8 7.36 3.56 4.15
N LYS A 9 6.34 3.04 4.84
CA LYS A 9 6.54 2.32 6.11
C LYS A 9 6.85 0.86 5.80
N PHE A 10 6.62 0.49 4.54
CA PHE A 10 6.88 -0.85 4.05
C PHE A 10 8.38 -1.03 3.73
N LYS A 11 8.88 -2.25 3.87
CA LYS A 11 10.29 -2.52 3.66
C LYS A 11 10.52 -3.30 2.37
N GLY A 12 11.42 -2.80 1.54
CA GLY A 12 11.81 -3.49 0.31
C GLY A 12 10.81 -3.30 -0.81
N PRO A 13 10.98 -4.05 -1.92
CA PRO A 13 10.05 -4.01 -3.04
C PRO A 13 8.74 -4.73 -2.72
N CYS A 14 7.79 -4.70 -3.65
CA CYS A 14 6.50 -5.33 -3.43
C CYS A 14 6.64 -6.84 -3.48
N ALA A 15 6.97 -7.43 -2.33
CA ALA A 15 7.05 -8.88 -2.20
C ALA A 15 5.69 -9.52 -2.47
N SER A 16 4.63 -8.77 -2.18
CA SER A 16 3.28 -9.22 -2.40
C SER A 16 2.30 -8.07 -2.12
N ASP A 17 1.31 -7.90 -2.99
CA ASP A 17 0.25 -6.92 -2.80
C ASP A 17 -0.42 -7.16 -1.47
N HIS A 18 -0.57 -8.43 -1.11
CA HIS A 18 -1.23 -8.80 0.14
C HIS A 18 -0.39 -8.37 1.32
N ASN A 19 0.93 -8.45 1.15
CA ASN A 19 1.85 -8.06 2.22
C ASN A 19 1.74 -6.56 2.44
N CYS A 20 1.71 -5.81 1.34
CA CYS A 20 1.45 -4.37 1.39
C CYS A 20 0.12 -4.11 2.08
N ALA A 21 -0.88 -4.92 1.76
CA ALA A 21 -2.19 -4.80 2.38
C ALA A 21 -2.10 -4.94 3.89
N SER A 22 -1.57 -6.07 4.35
CA SER A 22 -1.45 -6.35 5.77
C SER A 22 -0.72 -5.22 6.50
N VAL A 23 0.41 -4.79 5.93
CA VAL A 23 1.20 -3.73 6.52
C VAL A 23 0.39 -2.42 6.61
N CYS A 24 -0.20 -2.02 5.49
CA CYS A 24 -0.96 -0.78 5.44
C CYS A 24 -2.18 -0.85 6.35
N GLN A 25 -2.74 -2.05 6.50
CA GLN A 25 -3.89 -2.28 7.38
C GLN A 25 -3.47 -2.20 8.84
N THR A 26 -2.25 -2.63 9.14
CA THR A 26 -1.74 -2.56 10.51
C THR A 26 -1.28 -1.13 10.82
N GLU A 27 -0.97 -0.36 9.79
CA GLU A 27 -0.66 1.06 9.97
C GLU A 27 -1.86 1.79 10.60
N ARG A 28 -3.04 1.64 9.98
CA ARG A 28 -4.27 2.18 10.55
C ARG A 28 -5.49 1.64 9.81
N PHE A 29 -5.93 2.36 8.76
CA PHE A 29 -7.08 1.95 7.95
C PHE A 29 -6.87 2.39 6.52
N SER A 30 -6.19 1.56 5.75
CA SER A 30 -5.80 1.87 4.40
C SER A 30 -5.50 0.58 3.67
N GLY A 31 -6.28 0.30 2.63
CA GLY A 31 -6.02 -0.85 1.78
C GLY A 31 -4.66 -0.74 1.12
N GLY A 32 -3.93 -1.85 1.04
CA GLY A 32 -2.58 -1.82 0.51
C GLY A 32 -2.46 -2.61 -0.78
N ARG A 33 -1.85 -1.97 -1.79
CA ARG A 33 -1.66 -2.58 -3.11
C ARG A 33 -0.31 -2.12 -3.68
N CYS A 34 0.00 -2.60 -4.86
CA CYS A 34 1.22 -2.19 -5.56
C CYS A 34 0.87 -1.78 -6.99
N ARG A 35 1.39 -0.65 -7.45
CA ARG A 35 1.05 -0.16 -8.79
C ARG A 35 2.28 -0.13 -9.69
N GLY A 36 3.33 -0.79 -9.24
CA GLY A 36 4.50 -1.01 -10.06
C GLY A 36 4.83 -2.48 -10.13
N PHE A 37 5.48 -2.92 -11.20
CA PHE A 37 5.80 -4.32 -11.39
C PHE A 37 6.75 -4.81 -10.30
N ARG A 38 6.16 -5.37 -9.23
CA ARG A 38 6.92 -5.84 -8.07
C ARG A 38 7.60 -4.67 -7.36
N ARG A 39 7.04 -3.48 -7.58
CA ARG A 39 7.64 -2.25 -7.09
C ARG A 39 6.55 -1.21 -6.78
N ARG A 40 6.91 -0.17 -6.04
CA ARG A 40 6.04 0.98 -5.80
C ARG A 40 4.70 0.59 -5.17
N CYS A 41 4.66 0.65 -3.84
CA CYS A 41 3.48 0.27 -3.07
C CYS A 41 2.58 1.48 -2.80
N PHE A 42 1.27 1.31 -2.95
CA PHE A 42 0.29 2.37 -2.76
C PHE A 42 -0.77 1.94 -1.75
N CYS A 43 -1.35 2.91 -1.06
CA CYS A 43 -2.44 2.67 -0.11
C CYS A 43 -3.69 3.45 -0.50
N THR A 44 -4.84 2.80 -0.37
CA THR A 44 -6.12 3.42 -0.68
C THR A 44 -6.95 3.53 0.60
N THR A 45 -7.42 4.75 0.87
CA THR A 45 -8.19 5.02 2.08
C THR A 45 -9.23 6.11 1.83
N HIS A 46 -10.09 6.33 2.81
CA HIS A 46 -11.11 7.36 2.74
C HIS A 46 -10.49 8.75 2.96
N CYS A 47 -10.87 9.70 2.11
CA CYS A 47 -10.36 11.06 2.20
C CYS A 47 -11.04 11.82 3.33
N ARG A 1 -13.42 9.82 -3.86
CA ARG A 1 -13.88 9.06 -2.67
C ARG A 1 -12.86 7.97 -2.30
N THR A 2 -12.27 7.34 -3.30
CA THR A 2 -11.23 6.35 -3.07
C THR A 2 -9.88 6.96 -3.42
N CYS A 3 -9.01 7.10 -2.42
CA CYS A 3 -7.72 7.76 -2.61
C CYS A 3 -6.57 6.78 -2.41
N GLU A 4 -5.59 6.82 -3.29
CA GLU A 4 -4.42 5.96 -3.19
C GLU A 4 -3.16 6.79 -2.92
N SER A 5 -2.65 6.66 -1.71
CA SER A 5 -1.46 7.38 -1.29
C SER A 5 -0.24 6.46 -1.44
N GLN A 6 0.89 6.89 -0.89
CA GLN A 6 2.14 6.14 -1.01
C GLN A 6 2.58 5.63 0.36
N SER A 7 3.25 4.48 0.39
CA SER A 7 3.67 3.88 1.64
C SER A 7 5.20 3.88 1.75
N HIS A 8 5.69 4.55 2.77
CA HIS A 8 7.13 4.60 3.06
C HIS A 8 7.42 3.76 4.30
N LYS A 9 6.49 2.86 4.62
CA LYS A 9 6.61 1.98 5.79
C LYS A 9 6.82 0.53 5.34
N PHE A 10 6.53 0.27 4.07
CA PHE A 10 6.64 -1.07 3.50
C PHE A 10 8.10 -1.39 3.15
N LYS A 11 8.37 -2.67 2.90
CA LYS A 11 9.72 -3.13 2.61
C LYS A 11 10.05 -2.99 1.11
N GLY A 12 10.84 -1.99 0.77
CA GLY A 12 11.32 -1.82 -0.59
C GLY A 12 10.24 -1.31 -1.54
N PRO A 13 10.30 -1.70 -2.82
CA PRO A 13 9.32 -1.29 -3.82
C PRO A 13 7.97 -1.94 -3.58
N CYS A 14 7.94 -3.22 -3.81
CA CYS A 14 6.73 -4.04 -3.65
C CYS A 14 7.10 -5.47 -3.33
N ALA A 15 6.09 -6.27 -3.01
CA ALA A 15 6.26 -7.69 -2.72
C ALA A 15 4.96 -8.42 -3.08
N SER A 16 3.84 -7.77 -2.74
CA SER A 16 2.52 -8.27 -3.05
C SER A 16 1.47 -7.27 -2.58
N ASP A 17 0.38 -7.14 -3.33
CA ASP A 17 -0.73 -6.28 -2.92
C ASP A 17 -1.24 -6.74 -1.56
N HIS A 18 -1.19 -8.07 -1.36
CA HIS A 18 -1.55 -8.68 -0.09
C HIS A 18 -0.70 -8.14 1.04
N ASN A 19 0.61 -8.17 0.81
CA ASN A 19 1.59 -7.74 1.81
C ASN A 19 1.40 -6.26 2.13
N CYS A 20 1.32 -5.45 1.08
CA CYS A 20 1.09 -4.02 1.24
C CYS A 20 -0.21 -3.75 1.99
N ALA A 21 -1.24 -4.55 1.70
CA ALA A 21 -2.51 -4.44 2.39
C ALA A 21 -2.33 -4.67 3.89
N SER A 22 -1.79 -5.83 4.23
CA SER A 22 -1.56 -6.22 5.62
C SER A 22 -0.78 -5.14 6.37
N VAL A 23 0.39 -4.78 5.85
CA VAL A 23 1.25 -3.80 6.49
C VAL A 23 0.53 -2.47 6.67
N CYS A 24 -0.01 -1.93 5.57
CA CYS A 24 -0.65 -0.62 5.62
C CYS A 24 -1.84 -0.65 6.58
N GLN A 25 -2.57 -1.77 6.62
CA GLN A 25 -3.74 -1.91 7.48
C GLN A 25 -3.33 -1.99 8.95
N THR A 26 -2.19 -2.62 9.22
CA THR A 26 -1.67 -2.72 10.57
C THR A 26 -1.09 -1.37 11.03
N GLU A 27 -0.63 -0.57 10.07
CA GLU A 27 -0.10 0.76 10.37
C GLU A 27 -1.24 1.77 10.56
N ARG A 28 -2.29 1.65 9.75
CA ARG A 28 -3.39 2.60 9.74
C ARG A 28 -4.57 2.03 8.96
N PHE A 29 -5.78 2.55 9.21
CA PHE A 29 -6.94 2.15 8.43
C PHE A 29 -6.79 2.62 6.98
N SER A 30 -6.10 1.81 6.20
CA SER A 30 -5.77 2.09 4.82
C SER A 30 -5.34 0.81 4.13
N GLY A 31 -6.09 0.39 3.13
CA GLY A 31 -5.75 -0.78 2.35
C GLY A 31 -4.44 -0.59 1.60
N GLY A 32 -4.00 -1.62 0.87
CA GLY A 32 -2.72 -1.54 0.19
C GLY A 32 -2.77 -2.09 -1.23
N ARG A 33 -1.75 -1.74 -2.00
CA ARG A 33 -1.59 -2.22 -3.38
C ARG A 33 -0.17 -1.94 -3.86
N CYS A 34 0.18 -2.50 -5.01
CA CYS A 34 1.43 -2.17 -5.69
C CYS A 34 1.10 -1.47 -7.01
N ARG A 35 1.58 -0.25 -7.16
CA ARG A 35 1.19 0.61 -8.28
C ARG A 35 2.40 1.32 -8.86
N GLY A 36 2.29 1.79 -10.10
CA GLY A 36 3.36 2.55 -10.71
C GLY A 36 4.33 1.70 -11.51
N PHE A 37 5.08 2.34 -12.39
CA PHE A 37 6.04 1.65 -13.25
C PHE A 37 7.15 1.03 -12.42
N ARG A 38 7.44 1.66 -11.28
CA ARG A 38 8.48 1.18 -10.36
C ARG A 38 7.96 -0.01 -9.55
N ARG A 39 6.65 -0.25 -9.62
CA ARG A 39 5.98 -1.24 -8.76
C ARG A 39 6.22 -0.88 -7.29
N ARG A 40 5.73 0.27 -6.88
CA ARG A 40 5.93 0.73 -5.51
C ARG A 40 4.69 0.43 -4.67
N CYS A 41 4.86 0.42 -3.36
CA CYS A 41 3.77 0.13 -2.43
C CYS A 41 2.91 1.36 -2.17
N PHE A 42 1.66 1.29 -2.60
CA PHE A 42 0.69 2.38 -2.41
C PHE A 42 -0.43 1.91 -1.48
N CYS A 43 -1.08 2.86 -0.81
CA CYS A 43 -2.16 2.55 0.12
C CYS A 43 -3.47 3.12 -0.39
N THR A 44 -4.57 2.39 -0.19
CA THR A 44 -5.89 2.82 -0.62
C THR A 44 -6.80 3.07 0.59
N THR A 45 -7.21 4.32 0.75
CA THR A 45 -8.08 4.70 1.86
C THR A 45 -9.26 5.52 1.35
N HIS A 46 -10.14 5.95 2.26
CA HIS A 46 -11.36 6.65 1.90
C HIS A 46 -11.22 8.16 2.16
N CYS A 47 -11.55 8.94 1.14
CA CYS A 47 -11.63 10.40 1.27
C CYS A 47 -13.09 10.81 1.42
N ARG A 1 -15.55 8.62 -2.91
CA ARG A 1 -14.23 8.91 -3.50
C ARG A 1 -13.13 8.15 -2.78
N THR A 2 -12.28 7.49 -3.56
CA THR A 2 -11.15 6.75 -3.03
C THR A 2 -9.83 7.48 -3.34
N CYS A 3 -9.00 7.65 -2.32
CA CYS A 3 -7.74 8.36 -2.45
C CYS A 3 -6.58 7.39 -2.21
N GLU A 4 -5.42 7.70 -2.77
CA GLU A 4 -4.26 6.80 -2.69
C GLU A 4 -3.15 7.47 -1.89
N SER A 5 -2.32 6.64 -1.26
CA SER A 5 -1.18 7.11 -0.48
C SER A 5 -0.03 6.14 -0.69
N GLN A 6 1.16 6.48 -0.19
CA GLN A 6 2.32 5.61 -0.35
C GLN A 6 2.79 5.11 1.01
N SER A 7 3.12 3.83 1.07
CA SER A 7 3.58 3.21 2.30
C SER A 7 5.03 2.77 2.16
N HIS A 8 5.94 3.59 2.69
CA HIS A 8 7.36 3.29 2.64
C HIS A 8 7.75 2.41 3.83
N LYS A 9 6.75 2.08 4.64
CA LYS A 9 6.93 1.14 5.74
C LYS A 9 7.27 -0.23 5.17
N PHE A 10 6.64 -0.53 4.02
CA PHE A 10 6.92 -1.74 3.28
C PHE A 10 8.16 -1.53 2.42
N LYS A 11 9.21 -2.28 2.72
CA LYS A 11 10.51 -2.08 2.10
C LYS A 11 10.58 -2.68 0.69
N GLY A 12 10.75 -1.81 -0.31
CA GLY A 12 10.93 -2.26 -1.68
C GLY A 12 9.63 -2.23 -2.49
N PRO A 13 9.51 -3.11 -3.50
CA PRO A 13 8.29 -3.24 -4.31
C PRO A 13 7.27 -4.15 -3.64
N CYS A 14 6.03 -4.10 -4.11
CA CYS A 14 4.98 -4.95 -3.56
C CYS A 14 5.18 -6.39 -4.02
N ALA A 15 6.14 -7.08 -3.40
CA ALA A 15 6.45 -8.46 -3.73
C ALA A 15 5.23 -9.37 -3.56
N SER A 16 4.36 -9.01 -2.62
CA SER A 16 3.16 -9.78 -2.35
C SER A 16 2.01 -8.86 -1.93
N ASP A 17 0.85 -9.10 -2.52
CA ASP A 17 -0.35 -8.29 -2.28
C ASP A 17 -0.69 -8.29 -0.80
N HIS A 18 -0.81 -9.49 -0.23
CA HIS A 18 -1.16 -9.67 1.18
C HIS A 18 -0.21 -8.87 2.07
N ASN A 19 1.08 -8.95 1.75
CA ASN A 19 2.11 -8.31 2.55
C ASN A 19 1.96 -6.78 2.52
N CYS A 20 1.96 -6.20 1.32
CA CYS A 20 1.84 -4.74 1.15
C CYS A 20 0.56 -4.25 1.84
N ALA A 21 -0.56 -4.89 1.51
CA ALA A 21 -1.87 -4.54 2.06
C ALA A 21 -1.86 -4.59 3.58
N SER A 22 -1.45 -5.74 4.13
CA SER A 22 -1.49 -5.96 5.57
C SER A 22 -0.65 -4.94 6.32
N VAL A 23 0.56 -4.68 5.81
CA VAL A 23 1.44 -3.68 6.42
C VAL A 23 0.75 -2.33 6.45
N CYS A 24 0.23 -1.92 5.30
CA CYS A 24 -0.48 -0.65 5.21
C CYS A 24 -1.67 -0.61 6.18
N GLN A 25 -2.46 -1.68 6.20
CA GLN A 25 -3.66 -1.74 7.04
C GLN A 25 -3.30 -1.67 8.52
N THR A 26 -2.15 -2.22 8.88
CA THR A 26 -1.71 -2.22 10.27
C THR A 26 -1.18 -0.85 10.67
N GLU A 27 -0.51 -0.15 9.73
CA GLU A 27 0.00 1.20 10.02
C GLU A 27 -1.13 2.23 9.97
N ARG A 28 -2.17 1.96 9.17
CA ARG A 28 -3.29 2.88 8.99
C ARG A 28 -4.40 2.22 8.18
N PHE A 29 -5.66 2.50 8.52
CA PHE A 29 -6.79 1.99 7.75
C PHE A 29 -6.73 2.52 6.33
N SER A 30 -6.23 1.65 5.48
CA SER A 30 -5.99 1.92 4.09
C SER A 30 -5.70 0.60 3.37
N GLY A 31 -6.53 0.28 2.39
CA GLY A 31 -6.31 -0.89 1.55
C GLY A 31 -4.95 -0.86 0.87
N GLY A 32 -4.63 -1.90 0.09
CA GLY A 32 -3.31 -2.02 -0.50
C GLY A 32 -3.34 -1.93 -2.02
N ARG A 33 -2.29 -1.35 -2.58
CA ARG A 33 -2.22 -1.07 -4.02
C ARG A 33 -0.77 -1.15 -4.50
N CYS A 34 -0.58 -1.43 -5.79
CA CYS A 34 0.74 -1.40 -6.41
C CYS A 34 0.79 -0.30 -7.45
N ARG A 35 1.58 0.74 -7.17
CA ARG A 35 1.70 1.89 -8.07
C ARG A 35 3.16 2.33 -8.16
N GLY A 36 3.58 2.71 -9.34
CA GLY A 36 4.96 3.14 -9.56
C GLY A 36 5.65 2.29 -10.60
N PHE A 37 6.79 2.75 -11.08
CA PHE A 37 7.53 2.05 -12.14
C PHE A 37 8.02 0.69 -11.65
N ARG A 38 8.49 0.64 -10.40
CA ARG A 38 8.97 -0.59 -9.80
C ARG A 38 7.88 -1.22 -8.93
N ARG A 39 6.65 -0.75 -9.12
CA ARG A 39 5.50 -1.22 -8.34
C ARG A 39 5.74 -1.03 -6.84
N ARG A 40 5.59 0.21 -6.38
CA ARG A 40 5.77 0.54 -4.97
C ARG A 40 4.45 0.29 -4.22
N CYS A 41 4.57 -0.01 -2.92
CA CYS A 41 3.40 -0.26 -2.07
C CYS A 41 2.64 1.04 -1.83
N PHE A 42 1.43 1.13 -2.38
CA PHE A 42 0.53 2.26 -2.15
C PHE A 42 -0.70 1.79 -1.39
N CYS A 43 -1.51 2.74 -0.97
CA CYS A 43 -2.65 2.47 -0.11
C CYS A 43 -3.90 3.13 -0.66
N THR A 44 -5.05 2.48 -0.48
CA THR A 44 -6.33 3.01 -0.93
C THR A 44 -7.22 3.31 0.28
N THR A 45 -7.49 4.59 0.50
CA THR A 45 -8.30 5.05 1.62
C THR A 45 -9.54 5.77 1.10
N HIS A 46 -10.50 6.02 1.99
CA HIS A 46 -11.75 6.68 1.61
C HIS A 46 -11.72 8.15 2.01
N CYS A 47 -11.97 9.03 1.04
CA CYS A 47 -12.06 10.46 1.29
C CYS A 47 -13.54 10.86 1.44
N ARG A 1 -15.19 8.98 -1.68
CA ARG A 1 -14.03 9.21 -2.56
C ARG A 1 -12.89 8.25 -2.19
N THR A 2 -12.23 7.70 -3.21
CA THR A 2 -11.07 6.86 -2.99
C THR A 2 -9.78 7.68 -3.19
N CYS A 3 -8.94 7.73 -2.15
CA CYS A 3 -7.66 8.41 -2.24
C CYS A 3 -6.52 7.40 -2.10
N GLU A 4 -5.51 7.56 -2.95
CA GLU A 4 -4.35 6.67 -2.98
C GLU A 4 -3.09 7.45 -2.58
N SER A 5 -2.34 6.89 -1.66
CA SER A 5 -1.09 7.47 -1.18
C SER A 5 -0.01 6.41 -1.26
N GLN A 6 1.15 6.68 -0.69
CA GLN A 6 2.25 5.71 -0.71
C GLN A 6 2.55 5.25 0.71
N SER A 7 3.10 4.04 0.84
CA SER A 7 3.47 3.49 2.14
C SER A 7 4.97 3.31 2.25
N HIS A 8 5.63 4.27 2.91
CA HIS A 8 7.09 4.24 3.06
C HIS A 8 7.50 3.44 4.29
N LYS A 9 6.51 3.04 5.08
CA LYS A 9 6.75 2.15 6.23
C LYS A 9 7.09 0.76 5.72
N PHE A 10 6.69 0.49 4.47
CA PHE A 10 7.01 -0.76 3.81
C PHE A 10 8.33 -0.61 3.04
N LYS A 11 9.39 -1.26 3.53
CA LYS A 11 10.69 -1.23 2.85
C LYS A 11 10.69 -2.19 1.67
N GLY A 12 10.61 -1.65 0.46
CA GLY A 12 10.67 -2.45 -0.75
C GLY A 12 9.47 -2.25 -1.65
N PRO A 13 9.44 -2.93 -2.81
CA PRO A 13 8.32 -2.87 -3.75
C PRO A 13 7.18 -3.80 -3.34
N CYS A 14 6.12 -3.84 -4.15
CA CYS A 14 4.97 -4.70 -3.88
C CYS A 14 5.33 -6.16 -4.18
N ALA A 15 6.12 -6.76 -3.30
CA ALA A 15 6.54 -8.15 -3.48
C ALA A 15 5.37 -9.10 -3.21
N SER A 16 4.43 -8.65 -2.38
CA SER A 16 3.23 -9.43 -2.08
C SER A 16 2.06 -8.48 -1.78
N ASP A 17 0.96 -8.65 -2.50
CA ASP A 17 -0.21 -7.78 -2.36
C ASP A 17 -0.79 -7.86 -0.94
N HIS A 18 -1.13 -9.07 -0.51
CA HIS A 18 -1.70 -9.29 0.83
C HIS A 18 -0.80 -8.68 1.90
N ASN A 19 0.50 -8.90 1.73
CA ASN A 19 1.48 -8.40 2.70
C ASN A 19 1.46 -6.88 2.75
N CYS A 20 1.53 -6.26 1.58
CA CYS A 20 1.55 -4.81 1.45
C CYS A 20 0.32 -4.21 2.11
N ALA A 21 -0.84 -4.78 1.82
CA ALA A 21 -2.11 -4.34 2.40
C ALA A 21 -2.12 -4.56 3.91
N SER A 22 -1.63 -5.72 4.33
CA SER A 22 -1.62 -6.08 5.75
C SER A 22 -0.79 -5.08 6.55
N VAL A 23 0.40 -4.76 6.05
CA VAL A 23 1.29 -3.81 6.70
C VAL A 23 0.68 -2.41 6.71
N CYS A 24 0.18 -1.99 5.57
CA CYS A 24 -0.45 -0.67 5.46
C CYS A 24 -1.61 -0.57 6.46
N GLN A 25 -2.29 -1.70 6.69
CA GLN A 25 -3.42 -1.74 7.61
C GLN A 25 -2.97 -1.94 9.06
N THR A 26 -1.75 -2.45 9.27
CA THR A 26 -1.17 -2.47 10.61
C THR A 26 -0.83 -1.05 11.01
N GLU A 27 -0.54 -0.23 10.00
CA GLU A 27 -0.39 1.21 10.21
C GLU A 27 -1.78 1.83 10.48
N ARG A 28 -2.60 1.93 9.43
CA ARG A 28 -3.99 2.39 9.55
C ARG A 28 -4.83 1.75 8.44
N PHE A 29 -6.15 1.69 8.63
CA PHE A 29 -7.03 1.08 7.64
C PHE A 29 -6.87 1.74 6.27
N SER A 30 -6.14 1.05 5.39
CA SER A 30 -5.84 1.54 4.06
C SER A 30 -5.48 0.33 3.18
N GLY A 31 -6.31 0.09 2.18
CA GLY A 31 -6.07 -1.00 1.24
C GLY A 31 -4.69 -0.91 0.60
N GLY A 32 -4.16 -2.04 0.15
CA GLY A 32 -2.79 -2.09 -0.36
C GLY A 32 -2.74 -2.43 -1.83
N ARG A 33 -2.32 -1.47 -2.64
CA ARG A 33 -2.16 -1.67 -4.07
C ARG A 33 -0.71 -1.36 -4.49
N CYS A 34 -0.42 -1.56 -5.77
CA CYS A 34 0.91 -1.32 -6.30
C CYS A 34 0.85 -0.31 -7.43
N ARG A 35 1.72 0.70 -7.39
CA ARG A 35 1.70 1.77 -8.38
C ARG A 35 3.13 2.22 -8.70
N GLY A 36 3.30 2.88 -9.85
CA GLY A 36 4.59 3.42 -10.21
C GLY A 36 5.43 2.43 -11.01
N PHE A 37 6.39 2.95 -11.75
CA PHE A 37 7.26 2.13 -12.60
C PHE A 37 8.24 1.35 -11.74
N ARG A 38 8.41 1.80 -10.50
CA ARG A 38 9.33 1.17 -9.55
C ARG A 38 8.57 0.14 -8.69
N ARG A 39 7.31 -0.10 -9.05
CA ARG A 39 6.50 -1.14 -8.43
C ARG A 39 6.33 -0.87 -6.93
N ARG A 40 6.08 0.39 -6.60
CA ARG A 40 6.04 0.85 -5.21
C ARG A 40 4.67 0.58 -4.57
N CYS A 41 4.66 0.38 -3.26
CA CYS A 41 3.41 0.15 -2.51
C CYS A 41 2.64 1.45 -2.30
N PHE A 42 1.44 1.49 -2.88
CA PHE A 42 0.50 2.60 -2.67
C PHE A 42 -0.73 2.08 -1.93
N CYS A 43 -1.32 2.93 -1.11
CA CYS A 43 -2.46 2.52 -0.30
C CYS A 43 -3.71 3.28 -0.71
N THR A 44 -4.84 2.59 -0.70
CA THR A 44 -6.13 3.18 -1.03
C THR A 44 -7.03 3.18 0.19
N THR A 45 -7.38 4.37 0.68
CA THR A 45 -8.17 4.49 1.89
C THR A 45 -9.45 5.27 1.62
N HIS A 46 -10.35 5.24 2.60
CA HIS A 46 -11.63 5.94 2.48
C HIS A 46 -11.40 7.44 2.66
N CYS A 47 -11.51 8.15 1.55
CA CYS A 47 -11.16 9.56 1.48
C CYS A 47 -12.41 10.42 1.67
N ARG A 1 -14.22 9.13 -4.55
CA ARG A 1 -14.11 9.57 -3.14
C ARG A 1 -13.03 8.78 -2.40
N THR A 2 -12.45 7.78 -3.04
CA THR A 2 -11.36 7.02 -2.48
C THR A 2 -10.04 7.69 -2.84
N CYS A 3 -9.19 7.89 -1.84
CA CYS A 3 -7.95 8.62 -2.03
C CYS A 3 -6.75 7.71 -1.83
N GLU A 4 -5.78 7.79 -2.73
CA GLU A 4 -4.61 6.92 -2.67
C GLU A 4 -3.36 7.74 -2.40
N SER A 5 -2.34 7.06 -1.90
CA SER A 5 -1.05 7.65 -1.62
C SER A 5 0.01 6.60 -1.88
N GLN A 6 1.26 6.94 -1.63
CA GLN A 6 2.38 6.08 -1.97
C GLN A 6 3.06 5.60 -0.69
N SER A 7 3.37 4.31 -0.65
CA SER A 7 3.76 3.66 0.59
C SER A 7 5.21 3.21 0.55
N HIS A 8 6.06 4.00 1.17
CA HIS A 8 7.44 3.60 1.44
C HIS A 8 7.53 3.12 2.89
N LYS A 9 6.35 2.95 3.49
CA LYS A 9 6.23 2.39 4.83
C LYS A 9 6.72 0.95 4.82
N PHE A 10 6.37 0.24 3.75
CA PHE A 10 6.90 -1.08 3.51
C PHE A 10 8.37 -0.95 3.15
N LYS A 11 9.24 -1.49 3.99
CA LYS A 11 10.68 -1.37 3.81
C LYS A 11 11.12 -1.98 2.47
N GLY A 12 11.31 -1.12 1.48
CA GLY A 12 11.78 -1.55 0.17
C GLY A 12 10.67 -1.62 -0.86
N PRO A 13 10.94 -2.17 -2.05
CA PRO A 13 9.91 -2.39 -3.07
C PRO A 13 8.94 -3.50 -2.63
N CYS A 14 7.70 -3.40 -3.09
CA CYS A 14 6.65 -4.35 -2.70
C CYS A 14 7.01 -5.77 -3.12
N ALA A 15 7.49 -6.55 -2.16
CA ALA A 15 7.84 -7.96 -2.41
C ALA A 15 6.58 -8.77 -2.71
N SER A 16 5.49 -8.44 -2.01
CA SER A 16 4.21 -9.13 -2.19
C SER A 16 3.06 -8.19 -1.83
N ASP A 17 2.08 -8.12 -2.73
CA ASP A 17 0.92 -7.23 -2.59
C ASP A 17 0.23 -7.44 -1.24
N HIS A 18 -0.18 -8.68 -0.97
CA HIS A 18 -0.92 -9.01 0.24
C HIS A 18 -0.15 -8.57 1.49
N ASN A 19 1.18 -8.63 1.40
CA ASN A 19 2.03 -8.30 2.53
C ASN A 19 2.03 -6.79 2.75
N CYS A 20 2.34 -6.02 1.70
CA CYS A 20 2.34 -4.56 1.82
C CYS A 20 0.94 -4.08 2.20
N ALA A 21 -0.08 -4.76 1.69
CA ALA A 21 -1.46 -4.46 2.01
C ALA A 21 -1.72 -4.67 3.50
N SER A 22 -1.37 -5.85 3.98
CA SER A 22 -1.56 -6.21 5.38
C SER A 22 -0.90 -5.17 6.29
N VAL A 23 0.36 -4.84 5.96
CA VAL A 23 1.12 -3.84 6.71
C VAL A 23 0.39 -2.50 6.73
N CYS A 24 -0.06 -2.05 5.56
CA CYS A 24 -0.79 -0.79 5.43
C CYS A 24 -2.10 -0.83 6.23
N GLN A 25 -2.71 -2.01 6.28
CA GLN A 25 -3.98 -2.20 7.00
C GLN A 25 -3.73 -2.27 8.51
N THR A 26 -2.57 -2.77 8.91
CA THR A 26 -2.24 -2.90 10.32
C THR A 26 -1.86 -1.54 10.92
N GLU A 27 -1.12 -0.73 10.17
CA GLU A 27 -0.69 0.56 10.70
C GLU A 27 -1.86 1.54 10.85
N ARG A 28 -2.74 1.60 9.85
CA ARG A 28 -3.86 2.54 9.87
C ARG A 28 -5.01 2.07 8.97
N PHE A 29 -6.12 2.80 8.97
CA PHE A 29 -7.21 2.54 8.05
C PHE A 29 -6.83 2.99 6.65
N SER A 30 -6.47 2.01 5.85
CA SER A 30 -6.01 2.22 4.49
C SER A 30 -5.75 0.88 3.81
N GLY A 31 -6.53 0.59 2.78
CA GLY A 31 -6.32 -0.62 2.00
C GLY A 31 -5.06 -0.51 1.16
N GLY A 32 -4.36 -1.61 0.98
CA GLY A 32 -3.09 -1.55 0.29
C GLY A 32 -3.11 -2.29 -1.03
N ARG A 33 -2.30 -1.81 -1.97
CA ARG A 33 -2.20 -2.38 -3.31
C ARG A 33 -0.87 -1.94 -3.92
N CYS A 34 -0.25 -2.82 -4.69
CA CYS A 34 1.05 -2.54 -5.27
C CYS A 34 0.92 -2.47 -6.79
N ARG A 35 1.50 -1.42 -7.38
CA ARG A 35 1.37 -1.17 -8.82
C ARG A 35 2.01 -2.33 -9.59
N GLY A 36 1.16 -3.14 -10.21
CA GLY A 36 1.62 -4.34 -10.86
C GLY A 36 1.91 -5.43 -9.84
N PHE A 37 3.18 -5.66 -9.56
CA PHE A 37 3.60 -6.64 -8.58
C PHE A 37 4.67 -6.04 -7.65
N ARG A 38 5.85 -5.77 -8.20
CA ARG A 38 6.97 -5.30 -7.39
C ARG A 38 7.69 -4.15 -8.07
N ARG A 39 7.23 -2.93 -7.80
CA ARG A 39 7.90 -1.72 -8.24
C ARG A 39 7.64 -0.60 -7.24
N ARG A 40 6.38 -0.46 -6.84
CA ARG A 40 5.98 0.56 -5.87
C ARG A 40 4.65 0.16 -5.22
N CYS A 41 4.54 0.42 -3.92
CA CYS A 41 3.32 0.09 -3.17
C CYS A 41 2.52 1.37 -2.92
N PHE A 42 1.20 1.22 -2.86
CA PHE A 42 0.30 2.36 -2.65
C PHE A 42 -0.77 2.00 -1.61
N CYS A 43 -1.32 3.02 -0.96
CA CYS A 43 -2.38 2.83 0.04
C CYS A 43 -3.60 3.68 -0.32
N THR A 44 -4.78 3.20 0.05
CA THR A 44 -6.04 3.85 -0.31
C THR A 44 -6.92 3.99 0.93
N THR A 45 -7.42 5.19 1.16
CA THR A 45 -8.30 5.47 2.29
C THR A 45 -9.54 6.23 1.82
N HIS A 46 -10.44 6.52 2.75
CA HIS A 46 -11.73 7.13 2.42
C HIS A 46 -11.69 8.65 2.62
N CYS A 47 -12.11 9.38 1.58
CA CYS A 47 -12.24 10.84 1.67
C CYS A 47 -13.73 11.22 1.74
N ARG A 1 -14.36 11.62 0.01
CA ARG A 1 -13.83 11.17 -1.28
C ARG A 1 -12.93 9.95 -1.09
N THR A 2 -12.45 9.39 -2.21
CA THR A 2 -11.47 8.33 -2.17
C THR A 2 -10.08 8.89 -2.53
N CYS A 3 -9.10 8.61 -1.69
CA CYS A 3 -7.74 9.09 -1.92
C CYS A 3 -6.73 7.97 -1.84
N GLU A 4 -5.70 8.06 -2.67
CA GLU A 4 -4.62 7.08 -2.71
C GLU A 4 -3.29 7.74 -2.31
N SER A 5 -2.65 7.16 -1.31
CA SER A 5 -1.33 7.60 -0.87
C SER A 5 -0.31 6.51 -1.17
N GLN A 6 0.94 6.72 -0.76
CA GLN A 6 2.00 5.77 -1.02
C GLN A 6 2.56 5.24 0.30
N SER A 7 2.89 3.95 0.31
CA SER A 7 3.46 3.32 1.48
C SER A 7 4.88 2.86 1.19
N HIS A 8 5.85 3.56 1.80
CA HIS A 8 7.27 3.25 1.60
C HIS A 8 7.81 2.53 2.83
N LYS A 9 6.95 2.36 3.83
CA LYS A 9 7.31 1.64 5.07
C LYS A 9 7.54 0.16 4.79
N PHE A 10 6.90 -0.36 3.76
CA PHE A 10 7.07 -1.73 3.35
C PHE A 10 8.51 -1.93 2.86
N LYS A 11 9.34 -2.53 3.71
CA LYS A 11 10.77 -2.64 3.46
C LYS A 11 11.07 -3.73 2.42
N GLY A 12 12.06 -3.46 1.57
CA GLY A 12 12.45 -4.41 0.54
C GLY A 12 11.70 -4.19 -0.76
N PRO A 13 11.62 -5.22 -1.62
CA PRO A 13 10.84 -5.17 -2.85
C PRO A 13 9.37 -5.58 -2.61
N CYS A 14 8.55 -5.53 -3.65
CA CYS A 14 7.17 -5.95 -3.54
C CYS A 14 7.10 -7.48 -3.49
N ALA A 15 7.46 -8.03 -2.33
CA ALA A 15 7.50 -9.47 -2.15
C ALA A 15 6.11 -10.09 -2.28
N SER A 16 5.11 -9.37 -1.80
CA SER A 16 3.73 -9.86 -1.83
C SER A 16 2.76 -8.69 -1.69
N ASP A 17 1.77 -8.64 -2.58
CA ASP A 17 0.74 -7.61 -2.55
C ASP A 17 -0.07 -7.72 -1.26
N HIS A 18 -0.36 -8.96 -0.87
CA HIS A 18 -1.19 -9.22 0.30
C HIS A 18 -0.49 -8.71 1.55
N ASN A 19 0.84 -8.87 1.59
CA ASN A 19 1.63 -8.42 2.72
C ASN A 19 1.80 -6.91 2.71
N CYS A 20 1.97 -6.33 1.52
CA CYS A 20 2.01 -4.87 1.37
C CYS A 20 0.73 -4.27 1.96
N ALA A 21 -0.41 -4.85 1.58
CA ALA A 21 -1.71 -4.42 2.08
C ALA A 21 -1.79 -4.62 3.60
N SER A 22 -1.37 -5.81 4.05
CA SER A 22 -1.41 -6.16 5.47
C SER A 22 -0.64 -5.13 6.30
N VAL A 23 0.60 -4.87 5.92
CA VAL A 23 1.45 -3.90 6.60
C VAL A 23 0.78 -2.52 6.61
N CYS A 24 0.38 -2.05 5.43
CA CYS A 24 -0.25 -0.75 5.31
C CYS A 24 -1.48 -0.65 6.21
N GLN A 25 -2.27 -1.73 6.25
CA GLN A 25 -3.50 -1.76 7.05
C GLN A 25 -3.20 -1.83 8.54
N THR A 26 -2.14 -2.57 8.92
CA THR A 26 -1.76 -2.66 10.32
C THR A 26 -1.23 -1.32 10.81
N GLU A 27 -0.68 -0.53 9.89
CA GLU A 27 -0.27 0.83 10.19
C GLU A 27 -1.49 1.75 10.30
N ARG A 28 -2.32 1.75 9.26
CA ARG A 28 -3.51 2.59 9.20
C ARG A 28 -4.53 1.96 8.24
N PHE A 29 -5.82 2.16 8.52
CA PHE A 29 -6.87 1.62 7.67
C PHE A 29 -6.77 2.24 6.28
N SER A 30 -6.23 1.45 5.37
CA SER A 30 -5.95 1.86 4.01
C SER A 30 -5.74 0.63 3.13
N GLY A 31 -6.65 0.40 2.21
CA GLY A 31 -6.53 -0.72 1.29
C GLY A 31 -5.32 -0.56 0.38
N GLY A 32 -4.36 -1.48 0.47
CA GLY A 32 -3.07 -1.26 -0.18
C GLY A 32 -2.80 -2.26 -1.30
N ARG A 33 -2.38 -1.73 -2.44
CA ARG A 33 -2.03 -2.53 -3.60
C ARG A 33 -0.57 -2.27 -3.99
N CYS A 34 -0.08 -3.00 -4.98
CA CYS A 34 1.32 -2.93 -5.37
C CYS A 34 1.45 -2.35 -6.78
N ARG A 35 2.55 -1.64 -7.02
CA ARG A 35 2.81 -1.00 -8.30
C ARG A 35 4.14 -1.50 -8.87
N GLY A 36 4.08 -2.09 -10.05
CA GLY A 36 5.26 -2.68 -10.65
C GLY A 36 5.66 -3.96 -9.94
N PHE A 37 6.75 -3.88 -9.16
CA PHE A 37 7.24 -5.03 -8.38
C PHE A 37 8.53 -4.66 -7.65
N ARG A 38 9.36 -3.84 -8.32
CA ARG A 38 10.68 -3.49 -7.79
C ARG A 38 10.59 -2.95 -6.36
N ARG A 39 9.75 -1.94 -6.16
CA ARG A 39 9.54 -1.35 -4.83
C ARG A 39 8.54 -0.20 -4.93
N ARG A 40 7.25 -0.52 -4.89
CA ARG A 40 6.21 0.50 -4.96
C ARG A 40 4.90 -0.04 -4.38
N CYS A 41 4.29 0.73 -3.50
CA CYS A 41 3.03 0.37 -2.85
C CYS A 41 2.14 1.60 -2.71
N PHE A 42 0.86 1.43 -3.00
CA PHE A 42 -0.11 2.53 -2.90
C PHE A 42 -1.31 2.09 -2.09
N CYS A 43 -1.73 2.93 -1.16
CA CYS A 43 -2.84 2.62 -0.27
C CYS A 43 -4.00 3.57 -0.52
N THR A 44 -5.21 3.05 -0.39
CA THR A 44 -6.43 3.82 -0.65
C THR A 44 -7.31 3.85 0.60
N THR A 45 -7.82 5.03 0.92
CA THR A 45 -8.67 5.22 2.09
C THR A 45 -9.73 6.28 1.82
N HIS A 46 -10.68 6.40 2.74
CA HIS A 46 -11.75 7.39 2.62
C HIS A 46 -11.26 8.74 3.12
N CYS A 47 -11.08 9.68 2.21
CA CYS A 47 -10.73 11.05 2.56
C CYS A 47 -11.98 11.93 2.52
N ARG A 1 -14.35 9.78 -5.95
CA ARG A 1 -12.89 9.95 -6.01
C ARG A 1 -12.20 8.82 -5.24
N THR A 2 -11.12 8.29 -5.81
CA THR A 2 -10.27 7.33 -5.12
C THR A 2 -9.07 8.06 -4.52
N CYS A 3 -8.77 7.76 -3.27
CA CYS A 3 -7.70 8.44 -2.55
C CYS A 3 -6.56 7.46 -2.24
N GLU A 4 -5.45 7.63 -2.93
CA GLU A 4 -4.33 6.69 -2.84
C GLU A 4 -3.05 7.42 -2.47
N SER A 5 -2.42 6.94 -1.41
CA SER A 5 -1.14 7.45 -0.95
C SER A 5 -0.07 6.44 -1.32
N GLN A 6 1.18 6.75 -1.04
CA GLN A 6 2.29 5.86 -1.36
C GLN A 6 2.92 5.38 -0.07
N SER A 7 3.21 4.09 0.00
CA SER A 7 3.72 3.50 1.22
C SER A 7 5.14 2.99 1.00
N HIS A 8 6.11 3.80 1.43
CA HIS A 8 7.51 3.39 1.45
C HIS A 8 7.85 2.87 2.84
N LYS A 9 6.81 2.70 3.66
CA LYS A 9 6.93 2.00 4.93
C LYS A 9 7.16 0.52 4.66
N PHE A 10 6.67 0.08 3.51
CA PHE A 10 6.94 -1.27 3.01
C PHE A 10 8.38 -1.34 2.51
N LYS A 11 8.95 -2.53 2.53
CA LYS A 11 10.36 -2.71 2.23
C LYS A 11 10.62 -2.64 0.72
N GLY A 12 10.70 -1.42 0.20
CA GLY A 12 11.03 -1.20 -1.19
C GLY A 12 9.86 -1.45 -2.13
N PRO A 13 10.09 -2.16 -3.26
CA PRO A 13 9.05 -2.47 -4.24
C PRO A 13 8.03 -3.48 -3.70
N CYS A 14 6.90 -3.61 -4.41
CA CYS A 14 5.84 -4.51 -4.00
C CYS A 14 6.23 -5.97 -4.26
N ALA A 15 6.92 -6.56 -3.30
CA ALA A 15 7.25 -7.98 -3.36
C ALA A 15 6.02 -8.84 -3.10
N SER A 16 4.98 -8.21 -2.55
CA SER A 16 3.72 -8.87 -2.27
C SER A 16 2.64 -7.82 -2.02
N ASP A 17 1.60 -7.83 -2.85
CA ASP A 17 0.45 -6.94 -2.69
C ASP A 17 -0.24 -7.21 -1.35
N HIS A 18 -0.34 -8.49 -1.01
CA HIS A 18 -0.97 -8.90 0.24
C HIS A 18 -0.19 -8.35 1.43
N ASN A 19 1.13 -8.42 1.34
CA ASN A 19 1.99 -7.98 2.42
C ASN A 19 1.92 -6.45 2.57
N CYS A 20 2.06 -5.75 1.44
CA CYS A 20 1.91 -4.28 1.38
C CYS A 20 0.59 -3.87 2.05
N ALA A 21 -0.49 -4.55 1.65
CA ALA A 21 -1.80 -4.29 2.21
C ALA A 21 -1.82 -4.52 3.72
N SER A 22 -1.40 -5.72 4.13
CA SER A 22 -1.45 -6.09 5.54
C SER A 22 -0.67 -5.10 6.40
N VAL A 23 0.50 -4.69 5.93
CA VAL A 23 1.32 -3.71 6.64
C VAL A 23 0.56 -2.39 6.79
N CYS A 24 0.11 -1.84 5.66
CA CYS A 24 -0.60 -0.57 5.68
C CYS A 24 -1.87 -0.67 6.52
N GLN A 25 -2.48 -1.86 6.54
CA GLN A 25 -3.71 -2.10 7.30
C GLN A 25 -3.42 -2.22 8.80
N THR A 26 -2.26 -2.77 9.15
CA THR A 26 -1.91 -2.93 10.55
C THR A 26 -1.50 -1.60 11.16
N GLU A 27 -0.87 -0.74 10.36
CA GLU A 27 -0.54 0.62 10.82
C GLU A 27 -1.82 1.39 11.13
N ARG A 28 -2.77 1.36 10.19
CA ARG A 28 -4.12 1.93 10.38
C ARG A 28 -5.06 1.40 9.30
N PHE A 29 -6.33 1.78 9.37
CA PHE A 29 -7.30 1.40 8.35
C PHE A 29 -6.99 2.11 7.05
N SER A 30 -6.38 1.36 6.17
CA SER A 30 -5.92 1.83 4.88
C SER A 30 -5.64 0.61 4.00
N GLY A 31 -6.42 0.47 2.93
CA GLY A 31 -6.23 -0.64 2.01
C GLY A 31 -4.86 -0.61 1.36
N GLY A 32 -4.50 -1.70 0.69
CA GLY A 32 -3.20 -1.80 0.09
C GLY A 32 -3.28 -1.87 -1.41
N ARG A 33 -2.22 -1.44 -2.07
CA ARG A 33 -2.18 -1.39 -3.52
C ARG A 33 -0.75 -1.54 -4.01
N CYS A 34 -0.58 -1.93 -5.25
CA CYS A 34 0.73 -1.96 -5.89
C CYS A 34 0.59 -1.41 -7.30
N ARG A 35 0.96 -0.15 -7.46
CA ARG A 35 0.67 0.61 -8.68
C ARG A 35 1.80 0.52 -9.69
N GLY A 36 1.43 0.64 -10.97
CA GLY A 36 2.41 0.63 -12.04
C GLY A 36 3.00 -0.74 -12.25
N PHE A 37 2.16 -1.67 -12.70
CA PHE A 37 2.58 -3.04 -12.97
C PHE A 37 3.04 -3.71 -11.67
N ARG A 38 2.35 -3.36 -10.57
CA ARG A 38 2.61 -3.95 -9.25
C ARG A 38 4.01 -3.62 -8.75
N ARG A 39 4.62 -2.58 -9.30
CA ARG A 39 6.01 -2.22 -8.94
C ARG A 39 6.12 -1.64 -7.52
N ARG A 40 5.26 -0.67 -7.18
CA ARG A 40 5.41 0.07 -5.93
C ARG A 40 4.16 -0.05 -5.04
N CYS A 41 4.39 -0.13 -3.73
CA CYS A 41 3.33 -0.26 -2.73
C CYS A 41 2.66 1.09 -2.44
N PHE A 42 1.32 1.10 -2.53
CA PHE A 42 0.50 2.28 -2.28
C PHE A 42 -0.60 1.91 -1.29
N CYS A 43 -1.20 2.92 -0.65
CA CYS A 43 -2.30 2.71 0.29
C CYS A 43 -3.57 3.36 -0.25
N THR A 44 -4.68 2.64 -0.19
CA THR A 44 -5.95 3.14 -0.72
C THR A 44 -6.96 3.33 0.41
N THR A 45 -7.62 4.48 0.40
CA THR A 45 -8.65 4.79 1.38
C THR A 45 -9.61 5.84 0.81
N HIS A 46 -10.61 6.23 1.60
CA HIS A 46 -11.57 7.23 1.18
C HIS A 46 -11.30 8.53 1.93
N CYS A 47 -10.82 9.53 1.21
CA CYS A 47 -10.53 10.83 1.79
C CYS A 47 -11.80 11.68 1.83
N ARG A 1 -15.21 9.73 -2.78
CA ARG A 1 -13.87 10.08 -3.32
C ARG A 1 -12.77 9.23 -2.70
N THR A 2 -12.14 8.40 -3.51
CA THR A 2 -11.00 7.61 -3.07
C THR A 2 -9.72 8.44 -3.14
N CYS A 3 -8.96 8.44 -2.05
CA CYS A 3 -7.69 9.13 -1.99
C CYS A 3 -6.56 8.13 -1.84
N GLU A 4 -5.49 8.32 -2.60
CA GLU A 4 -4.39 7.36 -2.64
C GLU A 4 -3.11 7.96 -2.07
N SER A 5 -2.57 7.30 -1.06
CA SER A 5 -1.29 7.66 -0.50
C SER A 5 -0.24 6.64 -0.94
N GLN A 6 1.01 6.88 -0.57
CA GLN A 6 2.06 5.90 -0.85
C GLN A 6 2.57 5.37 0.48
N SER A 7 3.13 4.17 0.46
CA SER A 7 3.64 3.55 1.67
C SER A 7 5.15 3.39 1.56
N HIS A 8 5.87 4.32 2.18
CA HIS A 8 7.31 4.19 2.36
C HIS A 8 7.55 3.42 3.65
N LYS A 9 6.45 3.15 4.36
CA LYS A 9 6.46 2.29 5.54
C LYS A 9 6.99 0.91 5.15
N PHE A 10 6.43 0.40 4.05
CA PHE A 10 6.90 -0.85 3.46
C PHE A 10 8.28 -0.61 2.84
N LYS A 11 9.22 -1.49 3.16
CA LYS A 11 10.62 -1.31 2.78
C LYS A 11 10.99 -2.18 1.59
N GLY A 12 11.06 -1.54 0.42
CA GLY A 12 11.40 -2.25 -0.80
C GLY A 12 10.22 -2.35 -1.75
N PRO A 13 10.35 -3.12 -2.85
CA PRO A 13 9.22 -3.40 -3.75
C PRO A 13 8.26 -4.40 -3.12
N CYS A 14 6.97 -4.28 -3.41
CA CYS A 14 5.98 -5.16 -2.82
C CYS A 14 6.11 -6.58 -3.41
N ALA A 15 7.11 -7.31 -2.92
CA ALA A 15 7.39 -8.66 -3.40
C ALA A 15 6.27 -9.62 -3.04
N SER A 16 5.55 -9.30 -1.97
CA SER A 16 4.40 -10.10 -1.53
C SER A 16 3.17 -9.21 -1.39
N ASP A 17 2.17 -9.47 -2.22
CA ASP A 17 0.94 -8.68 -2.26
C ASP A 17 0.24 -8.67 -0.90
N HIS A 18 0.00 -9.85 -0.34
CA HIS A 18 -0.69 -9.97 0.95
C HIS A 18 0.06 -9.21 2.03
N ASN A 19 1.38 -9.34 2.02
CA ASN A 19 2.23 -8.69 3.02
C ASN A 19 2.11 -7.18 2.95
N CYS A 20 2.43 -6.62 1.79
CA CYS A 20 2.36 -5.18 1.56
C CYS A 20 0.97 -4.64 1.95
N ALA A 21 -0.06 -5.31 1.45
CA ALA A 21 -1.44 -4.94 1.75
C ALA A 21 -1.66 -4.89 3.26
N SER A 22 -1.36 -6.01 3.93
CA SER A 22 -1.56 -6.11 5.36
C SER A 22 -0.79 -5.02 6.10
N VAL A 23 0.45 -4.76 5.67
CA VAL A 23 1.28 -3.72 6.25
C VAL A 23 0.55 -2.37 6.20
N CYS A 24 -0.01 -2.06 5.03
CA CYS A 24 -0.79 -0.84 4.87
C CYS A 24 -1.99 -0.83 5.83
N GLN A 25 -2.73 -1.95 5.87
CA GLN A 25 -3.89 -2.08 6.75
C GLN A 25 -3.50 -1.96 8.23
N THR A 26 -2.29 -2.40 8.56
CA THR A 26 -1.83 -2.36 9.95
C THR A 26 -1.29 -0.98 10.30
N GLU A 27 -0.78 -0.26 9.31
CA GLU A 27 -0.21 1.06 9.54
C GLU A 27 -1.32 2.10 9.72
N ARG A 28 -2.39 2.00 8.93
CA ARG A 28 -3.53 2.93 9.01
C ARG A 28 -4.80 2.28 8.42
N PHE A 29 -5.85 3.08 8.29
CA PHE A 29 -7.09 2.64 7.65
C PHE A 29 -7.08 3.04 6.19
N SER A 30 -6.44 2.20 5.41
CA SER A 30 -6.22 2.43 4.00
C SER A 30 -5.87 1.10 3.35
N GLY A 31 -6.70 0.70 2.39
CA GLY A 31 -6.44 -0.51 1.63
C GLY A 31 -5.12 -0.43 0.86
N GLY A 32 -4.35 -1.52 0.84
CA GLY A 32 -3.02 -1.47 0.27
C GLY A 32 -2.89 -2.34 -0.98
N ARG A 33 -2.27 -1.77 -2.00
CA ARG A 33 -2.08 -2.42 -3.30
C ARG A 33 -0.76 -1.98 -3.91
N CYS A 34 -0.45 -2.48 -5.10
CA CYS A 34 0.80 -2.17 -5.77
C CYS A 34 0.55 -1.37 -7.03
N ARG A 35 1.27 -0.26 -7.17
CA ARG A 35 1.13 0.62 -8.32
C ARG A 35 2.53 1.09 -8.74
N GLY A 36 2.82 0.99 -10.04
CA GLY A 36 4.11 1.42 -10.57
C GLY A 36 4.90 0.28 -11.16
N PHE A 37 5.89 0.61 -11.98
CA PHE A 37 6.70 -0.41 -12.66
C PHE A 37 7.57 -1.16 -11.64
N ARG A 38 7.95 -0.46 -10.58
CA ARG A 38 8.77 -1.03 -9.53
C ARG A 38 7.90 -1.66 -8.45
N ARG A 39 6.58 -1.70 -8.68
CA ARG A 39 5.63 -2.24 -7.71
C ARG A 39 5.77 -1.54 -6.37
N ARG A 40 5.47 -0.24 -6.36
CA ARG A 40 5.51 0.56 -5.14
C ARG A 40 4.21 0.37 -4.36
N CYS A 41 4.32 0.15 -3.06
CA CYS A 41 3.14 0.01 -2.21
C CYS A 41 2.38 1.33 -2.11
N PHE A 42 1.14 1.33 -2.61
CA PHE A 42 0.25 2.48 -2.50
C PHE A 42 -0.97 2.12 -1.66
N CYS A 43 -1.47 3.10 -0.93
CA CYS A 43 -2.62 2.90 -0.04
C CYS A 43 -3.81 3.72 -0.52
N THR A 44 -5.01 3.24 -0.20
CA THR A 44 -6.25 3.87 -0.66
C THR A 44 -7.25 3.97 0.49
N THR A 45 -7.77 5.18 0.70
CA THR A 45 -8.73 5.45 1.76
C THR A 45 -9.86 6.33 1.22
N HIS A 46 -10.82 6.66 2.07
CA HIS A 46 -11.96 7.48 1.67
C HIS A 46 -11.80 8.91 2.20
N CYS A 47 -12.15 9.88 1.36
CA CYS A 47 -12.12 11.29 1.77
C CYS A 47 -13.56 11.83 1.88
N ARG A 1 -14.70 9.41 -4.62
CA ARG A 1 -13.49 10.08 -4.10
C ARG A 1 -12.62 9.07 -3.36
N THR A 2 -11.55 8.62 -4.00
CA THR A 2 -10.59 7.72 -3.38
C THR A 2 -9.29 8.47 -3.06
N CYS A 3 -8.67 8.10 -1.96
CA CYS A 3 -7.42 8.71 -1.54
C CYS A 3 -6.30 7.66 -1.57
N GLU A 4 -5.34 7.86 -2.47
CA GLU A 4 -4.21 6.94 -2.59
C GLU A 4 -2.92 7.64 -2.20
N SER A 5 -2.20 7.00 -1.31
CA SER A 5 -0.91 7.49 -0.85
C SER A 5 0.12 6.39 -1.05
N GLN A 6 1.37 6.67 -0.73
CA GLN A 6 2.44 5.70 -0.96
C GLN A 6 3.00 5.25 0.39
N SER A 7 3.53 4.04 0.43
CA SER A 7 3.94 3.43 1.68
C SER A 7 5.46 3.27 1.72
N HIS A 8 6.12 4.19 2.39
CA HIS A 8 7.57 4.17 2.53
C HIS A 8 7.95 3.45 3.83
N LYS A 9 6.93 2.95 4.53
CA LYS A 9 7.14 2.09 5.69
C LYS A 9 7.59 0.71 5.23
N PHE A 10 7.11 0.31 4.06
CA PHE A 10 7.50 -0.96 3.45
C PHE A 10 8.86 -0.79 2.80
N LYS A 11 9.84 -1.54 3.27
CA LYS A 11 11.21 -1.43 2.77
C LYS A 11 11.42 -2.30 1.54
N GLY A 12 11.64 -1.65 0.42
CA GLY A 12 11.82 -2.35 -0.84
C GLY A 12 10.52 -2.43 -1.64
N PRO A 13 10.58 -2.96 -2.87
CA PRO A 13 9.37 -3.16 -3.70
C PRO A 13 8.50 -4.29 -3.17
N CYS A 14 7.25 -4.34 -3.63
CA CYS A 14 6.31 -5.36 -3.20
C CYS A 14 6.79 -6.77 -3.53
N ALA A 15 7.46 -7.39 -2.56
CA ALA A 15 7.79 -8.80 -2.65
C ALA A 15 6.51 -9.64 -2.60
N SER A 16 5.50 -9.09 -1.90
CA SER A 16 4.20 -9.72 -1.79
C SER A 16 3.11 -8.66 -1.68
N ASP A 17 2.13 -8.71 -2.59
CA ASP A 17 0.98 -7.80 -2.54
C ASP A 17 0.23 -7.98 -1.23
N HIS A 18 0.23 -9.20 -0.73
CA HIS A 18 -0.44 -9.53 0.54
C HIS A 18 0.23 -8.78 1.68
N ASN A 19 1.55 -8.93 1.77
CA ASN A 19 2.33 -8.30 2.83
C ASN A 19 2.17 -6.79 2.79
N CYS A 20 2.31 -6.22 1.59
CA CYS A 20 2.18 -4.78 1.39
C CYS A 20 0.81 -4.29 1.85
N ALA A 21 -0.25 -4.96 1.39
CA ALA A 21 -1.61 -4.61 1.74
C ALA A 21 -1.81 -4.72 3.25
N SER A 22 -1.32 -5.81 3.82
CA SER A 22 -1.40 -6.06 5.25
C SER A 22 -0.74 -4.92 6.01
N VAL A 23 0.39 -4.44 5.47
CA VAL A 23 1.13 -3.33 6.05
C VAL A 23 0.28 -2.05 6.04
N CYS A 24 -0.35 -1.75 4.89
CA CYS A 24 -1.28 -0.62 4.80
C CYS A 24 -2.36 -0.73 5.89
N GLN A 25 -2.87 -1.94 6.08
CA GLN A 25 -3.91 -2.20 7.07
C GLN A 25 -3.40 -1.96 8.49
N THR A 26 -2.18 -2.44 8.76
CA THR A 26 -1.60 -2.30 10.10
C THR A 26 -1.29 -0.84 10.41
N GLU A 27 -0.95 -0.07 9.39
CA GLU A 27 -0.70 1.35 9.55
C GLU A 27 -1.99 2.06 10.03
N ARG A 28 -3.00 2.09 9.17
CA ARG A 28 -4.28 2.73 9.49
C ARG A 28 -5.41 2.12 8.66
N PHE A 29 -6.61 2.70 8.77
CA PHE A 29 -7.74 2.27 7.97
C PHE A 29 -7.56 2.71 6.53
N SER A 30 -6.84 1.88 5.79
CA SER A 30 -6.45 2.16 4.43
C SER A 30 -6.13 0.83 3.73
N GLY A 31 -6.90 0.51 2.71
CA GLY A 31 -6.63 -0.66 1.90
C GLY A 31 -5.25 -0.61 1.27
N GLY A 32 -4.83 -1.69 0.64
CA GLY A 32 -3.50 -1.74 0.07
C GLY A 32 -3.49 -2.15 -1.39
N ARG A 33 -2.53 -1.65 -2.12
CA ARG A 33 -2.35 -2.01 -3.53
C ARG A 33 -0.90 -1.77 -3.94
N CYS A 34 -0.40 -2.57 -4.87
CA CYS A 34 0.93 -2.38 -5.42
C CYS A 34 0.81 -2.02 -6.88
N ARG A 35 1.14 -0.77 -7.23
CA ARG A 35 0.93 -0.29 -8.60
C ARG A 35 2.17 0.42 -9.13
N GLY A 36 2.54 0.06 -10.35
CA GLY A 36 3.78 0.53 -10.95
C GLY A 36 4.66 -0.64 -11.33
N PHE A 37 5.54 -0.43 -12.30
CA PHE A 37 6.38 -1.51 -12.83
C PHE A 37 7.39 -1.96 -11.79
N ARG A 38 7.70 -1.08 -10.86
CA ARG A 38 8.63 -1.38 -9.76
C ARG A 38 7.90 -2.08 -8.61
N ARG A 39 6.59 -2.28 -8.80
CA ARG A 39 5.72 -2.80 -7.73
C ARG A 39 5.82 -1.89 -6.50
N ARG A 40 5.26 -0.69 -6.63
CA ARG A 40 5.34 0.30 -5.56
C ARG A 40 4.10 0.23 -4.67
N CYS A 41 4.33 0.23 -3.37
CA CYS A 41 3.26 0.14 -2.37
C CYS A 41 2.47 1.45 -2.27
N PHE A 42 1.16 1.32 -2.45
CA PHE A 42 0.22 2.43 -2.24
C PHE A 42 -0.90 1.96 -1.32
N CYS A 43 -1.39 2.85 -0.47
CA CYS A 43 -2.50 2.55 0.42
C CYS A 43 -3.70 3.40 0.03
N THR A 44 -4.88 2.77 -0.05
CA THR A 44 -6.09 3.44 -0.51
C THR A 44 -7.13 3.55 0.59
N THR A 45 -7.42 4.80 0.96
CA THR A 45 -8.48 5.10 1.91
C THR A 45 -9.50 6.02 1.23
N HIS A 46 -10.54 6.42 1.96
CA HIS A 46 -11.54 7.34 1.40
C HIS A 46 -11.57 8.64 2.20
N CYS A 47 -10.51 8.86 2.98
CA CYS A 47 -10.35 10.07 3.78
C CYS A 47 -11.55 10.28 4.72
N ARG A 1 -15.64 8.73 -3.37
CA ARG A 1 -14.55 9.57 -2.81
C ARG A 1 -13.45 8.68 -2.25
N THR A 2 -12.24 8.82 -2.79
CA THR A 2 -11.11 7.99 -2.38
C THR A 2 -9.80 8.76 -2.50
N CYS A 3 -8.87 8.47 -1.61
CA CYS A 3 -7.54 9.06 -1.63
C CYS A 3 -6.48 7.96 -1.57
N GLU A 4 -5.55 7.99 -2.51
CA GLU A 4 -4.51 6.97 -2.59
C GLU A 4 -3.13 7.63 -2.69
N SER A 5 -2.24 7.23 -1.79
CA SER A 5 -0.89 7.78 -1.73
C SER A 5 0.12 6.64 -1.83
N GLN A 6 1.40 6.98 -1.73
CA GLN A 6 2.48 6.02 -1.93
C GLN A 6 3.24 5.81 -0.62
N SER A 7 3.50 4.55 -0.28
CA SER A 7 4.13 4.20 0.99
C SER A 7 5.49 3.58 0.75
N HIS A 8 6.52 4.22 1.29
CA HIS A 8 7.89 3.69 1.21
C HIS A 8 8.26 3.05 2.55
N LYS A 9 7.26 2.91 3.42
CA LYS A 9 7.45 2.26 4.73
C LYS A 9 7.76 0.79 4.52
N PHE A 10 7.14 0.21 3.50
CA PHE A 10 7.40 -1.16 3.08
C PHE A 10 8.80 -1.24 2.45
N LYS A 11 9.21 -2.42 1.99
CA LYS A 11 10.56 -2.62 1.46
C LYS A 11 10.69 -2.10 0.02
N GLY A 12 10.02 -0.99 -0.28
CA GLY A 12 10.11 -0.39 -1.60
C GLY A 12 9.40 -1.21 -2.66
N PRO A 13 10.15 -1.82 -3.60
CA PRO A 13 9.58 -2.72 -4.60
C PRO A 13 8.77 -3.85 -3.97
N CYS A 14 7.44 -3.67 -3.98
CA CYS A 14 6.52 -4.63 -3.39
C CYS A 14 6.82 -6.06 -3.80
N ALA A 15 7.33 -6.84 -2.86
CA ALA A 15 7.57 -8.26 -3.08
C ALA A 15 6.25 -9.03 -3.14
N SER A 16 5.34 -8.65 -2.25
CA SER A 16 4.04 -9.32 -2.16
C SER A 16 2.93 -8.31 -1.85
N ASP A 17 1.93 -8.26 -2.75
CA ASP A 17 0.79 -7.36 -2.61
C ASP A 17 0.10 -7.57 -1.27
N HIS A 18 -0.08 -8.83 -0.91
CA HIS A 18 -0.72 -9.19 0.37
C HIS A 18 0.04 -8.59 1.54
N ASN A 19 1.37 -8.64 1.48
CA ASN A 19 2.21 -8.17 2.57
C ASN A 19 2.14 -6.66 2.70
N CYS A 20 2.25 -5.97 1.56
CA CYS A 20 2.15 -4.52 1.55
C CYS A 20 0.77 -4.10 2.09
N ALA A 21 -0.25 -4.83 1.67
CA ALA A 21 -1.62 -4.59 2.12
C ALA A 21 -1.73 -4.77 3.63
N SER A 22 -1.25 -5.91 4.12
CA SER A 22 -1.32 -6.23 5.55
C SER A 22 -0.66 -5.13 6.38
N VAL A 23 0.52 -4.70 5.93
CA VAL A 23 1.26 -3.63 6.59
C VAL A 23 0.42 -2.35 6.67
N CYS A 24 -0.01 -1.86 5.51
CA CYS A 24 -0.77 -0.61 5.44
C CYS A 24 -2.09 -0.72 6.23
N GLN A 25 -2.65 -1.93 6.28
CA GLN A 25 -3.91 -2.17 6.98
C GLN A 25 -3.70 -2.28 8.49
N THR A 26 -2.55 -2.83 8.90
CA THR A 26 -2.23 -2.93 10.32
C THR A 26 -1.99 -1.55 10.89
N GLU A 27 -1.35 -0.69 10.10
CA GLU A 27 -1.16 0.72 10.49
C GLU A 27 -2.51 1.38 10.80
N ARG A 28 -3.32 1.53 9.77
CA ARG A 28 -4.58 2.28 9.86
C ARG A 28 -5.60 1.72 8.87
N PHE A 29 -6.78 2.35 8.80
CA PHE A 29 -7.78 1.96 7.82
C PHE A 29 -7.39 2.51 6.46
N SER A 30 -6.82 1.62 5.69
CA SER A 30 -6.30 1.93 4.37
C SER A 30 -5.87 0.66 3.67
N GLY A 31 -6.55 0.35 2.57
CA GLY A 31 -6.21 -0.83 1.80
C GLY A 31 -4.89 -0.65 1.08
N GLY A 32 -4.13 -1.73 0.92
CA GLY A 32 -2.82 -1.62 0.30
C GLY A 32 -2.78 -2.35 -1.01
N ARG A 33 -2.08 -1.76 -1.98
CA ARG A 33 -2.02 -2.32 -3.32
C ARG A 33 -0.63 -2.08 -3.90
N CYS A 34 -0.21 -2.97 -4.77
CA CYS A 34 1.08 -2.84 -5.41
C CYS A 34 0.88 -2.63 -6.91
N ARG A 35 0.99 -1.37 -7.32
CA ARG A 35 0.61 -0.94 -8.66
C ARG A 35 1.84 -0.50 -9.45
N GLY A 36 1.75 -0.61 -10.78
CA GLY A 36 2.84 -0.20 -11.64
C GLY A 36 3.88 -1.29 -11.79
N PHE A 37 4.53 -1.34 -12.95
CA PHE A 37 5.58 -2.33 -13.21
C PHE A 37 6.72 -2.19 -12.20
N ARG A 38 6.82 -1.01 -11.59
CA ARG A 38 7.85 -0.73 -10.59
C ARG A 38 7.51 -1.38 -9.25
N ARG A 39 6.39 -2.10 -9.18
CA ARG A 39 5.96 -2.80 -7.96
C ARG A 39 5.73 -1.78 -6.84
N ARG A 40 5.11 -0.66 -7.16
CA ARG A 40 5.00 0.46 -6.23
C ARG A 40 3.89 0.23 -5.20
N CYS A 41 4.22 0.43 -3.93
CA CYS A 41 3.23 0.29 -2.85
C CYS A 41 2.39 1.56 -2.69
N PHE A 42 1.07 1.38 -2.78
CA PHE A 42 0.11 2.46 -2.59
C PHE A 42 -0.87 2.13 -1.48
N CYS A 43 -1.30 3.16 -0.75
CA CYS A 43 -2.30 3.02 0.30
C CYS A 43 -3.57 3.77 -0.08
N THR A 44 -4.71 3.12 0.06
CA THR A 44 -5.99 3.65 -0.39
C THR A 44 -6.97 3.75 0.78
N THR A 45 -7.46 4.96 1.03
CA THR A 45 -8.44 5.19 2.09
C THR A 45 -9.54 6.13 1.60
N HIS A 46 -10.54 6.38 2.44
CA HIS A 46 -11.68 7.19 2.05
C HIS A 46 -11.57 8.61 2.61
N CYS A 47 -11.63 9.59 1.71
CA CYS A 47 -11.75 10.99 2.10
C CYS A 47 -13.21 11.41 2.07
N ARG A 1 -15.78 8.82 -2.77
CA ARG A 1 -14.50 9.53 -3.00
C ARG A 1 -13.38 8.85 -2.22
N THR A 2 -12.37 8.37 -2.94
CA THR A 2 -11.26 7.64 -2.35
C THR A 2 -9.98 8.46 -2.39
N CYS A 3 -9.14 8.29 -1.39
CA CYS A 3 -7.86 8.96 -1.30
C CYS A 3 -6.75 7.92 -1.38
N GLU A 4 -5.61 8.28 -1.95
CA GLU A 4 -4.50 7.34 -2.12
C GLU A 4 -3.31 7.74 -1.28
N SER A 5 -2.34 6.85 -1.20
CA SER A 5 -1.10 7.11 -0.46
C SER A 5 0.00 6.17 -0.96
N GLN A 6 1.22 6.42 -0.52
CA GLN A 6 2.37 5.64 -0.98
C GLN A 6 3.02 4.90 0.20
N SER A 7 3.26 3.62 0.03
CA SER A 7 3.81 2.80 1.08
C SER A 7 5.20 2.28 0.73
N HIS A 8 6.22 2.95 1.26
CA HIS A 8 7.58 2.40 1.24
C HIS A 8 7.89 1.87 2.64
N LYS A 9 6.82 1.72 3.43
CA LYS A 9 6.90 1.13 4.76
C LYS A 9 7.41 -0.29 4.65
N PHE A 10 7.15 -0.88 3.49
CA PHE A 10 7.56 -2.24 3.18
C PHE A 10 9.02 -2.22 2.70
N LYS A 11 9.93 -2.62 3.59
CA LYS A 11 11.37 -2.58 3.29
C LYS A 11 11.73 -3.66 2.28
N GLY A 12 12.34 -3.24 1.17
CA GLY A 12 12.75 -4.17 0.13
C GLY A 12 11.80 -4.16 -1.05
N PRO A 13 11.97 -5.10 -1.99
CA PRO A 13 11.06 -5.24 -3.14
C PRO A 13 9.65 -5.60 -2.69
N CYS A 14 8.64 -4.99 -3.32
CA CYS A 14 7.25 -5.28 -3.01
C CYS A 14 6.91 -6.73 -3.39
N ALA A 15 7.16 -7.63 -2.45
CA ALA A 15 6.96 -9.06 -2.67
C ALA A 15 5.51 -9.39 -3.04
N SER A 16 4.57 -9.00 -2.18
CA SER A 16 3.17 -9.35 -2.38
C SER A 16 2.22 -8.25 -1.90
N ASP A 17 1.15 -8.04 -2.66
CA ASP A 17 0.12 -7.06 -2.32
C ASP A 17 -0.46 -7.39 -0.96
N HIS A 18 -0.68 -8.67 -0.72
CA HIS A 18 -1.22 -9.17 0.55
C HIS A 18 -0.40 -8.61 1.72
N ASN A 19 0.91 -8.69 1.58
CA ASN A 19 1.84 -8.31 2.64
C ASN A 19 1.86 -6.80 2.80
N CYS A 20 2.05 -6.09 1.69
CA CYS A 20 2.11 -4.63 1.74
C CYS A 20 0.79 -4.07 2.28
N ALA A 21 -0.32 -4.68 1.86
CA ALA A 21 -1.65 -4.26 2.29
C ALA A 21 -1.83 -4.50 3.78
N SER A 22 -1.43 -5.69 4.24
CA SER A 22 -1.52 -6.04 5.65
C SER A 22 -0.79 -5.00 6.50
N VAL A 23 0.44 -4.69 6.10
CA VAL A 23 1.27 -3.70 6.78
C VAL A 23 0.58 -2.32 6.74
N CYS A 24 0.15 -1.93 5.56
CA CYS A 24 -0.53 -0.66 5.37
C CYS A 24 -1.77 -0.58 6.26
N GLN A 25 -2.44 -1.72 6.43
CA GLN A 25 -3.65 -1.81 7.25
C GLN A 25 -3.31 -1.83 8.74
N THR A 26 -2.12 -2.35 9.08
CA THR A 26 -1.69 -2.34 10.48
C THR A 26 -1.34 -0.92 10.90
N GLU A 27 -0.88 -0.11 9.95
CA GLU A 27 -0.74 1.33 10.21
C GLU A 27 -2.12 1.98 10.38
N ARG A 28 -2.86 2.13 9.27
CA ARG A 28 -4.21 2.72 9.30
C ARG A 28 -5.13 1.98 8.33
N PHE A 29 -6.40 2.38 8.33
CA PHE A 29 -7.34 1.87 7.34
C PHE A 29 -6.96 2.37 5.95
N SER A 30 -6.52 1.45 5.13
CA SER A 30 -6.09 1.75 3.77
C SER A 30 -5.78 0.46 3.02
N GLY A 31 -6.60 0.16 2.02
CA GLY A 31 -6.36 -1.01 1.17
C GLY A 31 -5.07 -0.88 0.37
N GLY A 32 -4.42 -2.00 0.08
CA GLY A 32 -3.10 -1.96 -0.53
C GLY A 32 -3.08 -2.54 -1.93
N ARG A 33 -2.17 -2.02 -2.75
CA ARG A 33 -1.98 -2.48 -4.13
C ARG A 33 -0.53 -2.22 -4.51
N CYS A 34 0.03 -3.04 -5.38
CA CYS A 34 1.46 -2.97 -5.69
C CYS A 34 1.66 -2.54 -7.14
N ARG A 35 2.22 -1.35 -7.32
CA ARG A 35 2.39 -0.73 -8.63
C ARG A 35 3.88 -0.53 -8.94
N GLY A 36 4.17 0.24 -10.00
CA GLY A 36 5.55 0.52 -10.38
C GLY A 36 6.31 -0.74 -10.72
N PHE A 37 5.59 -1.71 -11.25
CA PHE A 37 6.10 -3.04 -11.50
C PHE A 37 6.65 -3.64 -10.20
N ARG A 38 5.77 -3.72 -9.20
CA ARG A 38 6.07 -4.38 -7.93
C ARG A 38 7.24 -3.71 -7.21
N ARG A 39 7.41 -2.42 -7.45
CA ARG A 39 8.49 -1.64 -6.83
C ARG A 39 7.94 -0.38 -6.15
N ARG A 40 6.67 -0.09 -6.36
CA ARG A 40 6.03 1.10 -5.79
C ARG A 40 4.63 0.75 -5.28
N CYS A 41 4.52 0.52 -3.97
CA CYS A 41 3.26 0.08 -3.37
C CYS A 41 2.41 1.29 -2.98
N PHE A 42 1.13 1.28 -3.36
CA PHE A 42 0.21 2.36 -3.03
C PHE A 42 -0.92 1.84 -2.13
N CYS A 43 -1.54 2.77 -1.39
CA CYS A 43 -2.66 2.45 -0.53
C CYS A 43 -3.86 3.35 -0.88
N THR A 44 -5.05 2.88 -0.53
CA THR A 44 -6.29 3.60 -0.79
C THR A 44 -7.15 3.62 0.47
N THR A 45 -7.51 4.82 0.91
CA THR A 45 -8.31 5.00 2.11
C THR A 45 -9.54 5.85 1.81
N HIS A 46 -10.52 5.79 2.71
CA HIS A 46 -11.76 6.56 2.58
C HIS A 46 -11.66 7.83 3.41
N CYS A 47 -11.66 8.98 2.76
CA CYS A 47 -11.64 10.26 3.46
C CYS A 47 -13.06 10.65 3.88
N ARG A 1 -15.63 7.32 -2.78
CA ARG A 1 -14.30 7.93 -2.97
C ARG A 1 -13.21 6.98 -2.50
N THR A 2 -12.01 7.14 -3.05
CA THR A 2 -10.88 6.29 -2.69
C THR A 2 -9.59 7.11 -2.70
N CYS A 3 -8.86 7.09 -1.58
CA CYS A 3 -7.62 7.84 -1.45
C CYS A 3 -6.45 6.89 -1.28
N GLU A 4 -5.62 6.77 -2.31
CA GLU A 4 -4.46 5.89 -2.27
C GLU A 4 -3.17 6.70 -2.34
N SER A 5 -2.44 6.71 -1.23
CA SER A 5 -1.13 7.32 -1.14
C SER A 5 -0.07 6.27 -1.40
N GLN A 6 1.16 6.57 -1.06
CA GLN A 6 2.27 5.65 -1.27
C GLN A 6 2.80 5.22 0.10
N SER A 7 3.51 4.10 0.15
CA SER A 7 3.85 3.48 1.43
C SER A 7 5.36 3.53 1.66
N HIS A 8 5.79 4.51 2.45
CA HIS A 8 7.19 4.68 2.80
C HIS A 8 7.53 3.87 4.04
N LYS A 9 6.51 3.25 4.62
CA LYS A 9 6.67 2.42 5.82
C LYS A 9 7.00 0.98 5.48
N PHE A 10 6.67 0.56 4.26
CA PHE A 10 6.96 -0.79 3.81
C PHE A 10 8.43 -0.89 3.42
N LYS A 11 8.98 -2.10 3.54
CA LYS A 11 10.39 -2.31 3.28
C LYS A 11 10.65 -2.41 1.78
N GLY A 12 10.95 -1.27 1.22
CA GLY A 12 11.20 -1.15 -0.21
C GLY A 12 9.92 -1.16 -1.03
N PRO A 13 9.95 -1.70 -2.26
CA PRO A 13 8.76 -1.83 -3.10
C PRO A 13 7.95 -3.06 -2.72
N CYS A 14 6.92 -3.38 -3.50
CA CYS A 14 6.06 -4.53 -3.22
C CYS A 14 6.83 -5.84 -3.44
N ALA A 15 7.56 -6.26 -2.42
CA ALA A 15 8.21 -7.57 -2.43
C ALA A 15 7.15 -8.67 -2.32
N SER A 16 6.02 -8.32 -1.72
CA SER A 16 4.88 -9.21 -1.62
C SER A 16 3.60 -8.36 -1.53
N ASP A 17 2.78 -8.42 -2.59
CA ASP A 17 1.60 -7.57 -2.72
C ASP A 17 0.68 -7.72 -1.50
N HIS A 18 0.42 -8.96 -1.12
CA HIS A 18 -0.47 -9.25 0.01
C HIS A 18 0.07 -8.63 1.29
N ASN A 19 1.39 -8.75 1.47
CA ASN A 19 2.06 -8.24 2.66
C ASN A 19 1.94 -6.72 2.71
N CYS A 20 2.27 -6.09 1.59
CA CYS A 20 2.21 -4.63 1.48
C CYS A 20 0.80 -4.13 1.78
N ALA A 21 -0.20 -4.81 1.23
CA ALA A 21 -1.59 -4.47 1.47
C ALA A 21 -1.92 -4.56 2.95
N SER A 22 -1.55 -5.67 3.57
CA SER A 22 -1.81 -5.91 5.00
C SER A 22 -1.16 -4.81 5.85
N VAL A 23 0.08 -4.49 5.52
CA VAL A 23 0.81 -3.43 6.18
C VAL A 23 0.06 -2.10 6.06
N CYS A 24 -0.44 -1.82 4.86
CA CYS A 24 -1.23 -0.61 4.63
C CYS A 24 -2.59 -0.71 5.35
N GLN A 25 -3.05 -1.92 5.64
CA GLN A 25 -4.28 -2.11 6.42
C GLN A 25 -4.02 -1.76 7.89
N THR A 26 -2.84 -2.08 8.39
CA THR A 26 -2.45 -1.76 9.75
C THR A 26 -2.05 -0.29 9.88
N GLU A 27 -1.62 0.30 8.76
CA GLU A 27 -1.30 1.72 8.68
C GLU A 27 -2.55 2.56 8.39
N ARG A 28 -3.04 2.43 7.16
CA ARG A 28 -4.18 3.23 6.68
C ARG A 28 -5.51 2.56 7.03
N PHE A 29 -6.60 3.19 6.61
CA PHE A 29 -7.94 2.76 6.98
C PHE A 29 -8.49 1.69 6.02
N SER A 30 -8.43 1.97 4.73
CA SER A 30 -9.12 1.16 3.73
C SER A 30 -8.28 -0.03 3.25
N GLY A 31 -6.96 0.06 3.37
CA GLY A 31 -6.10 -1.05 3.01
C GLY A 31 -4.88 -0.63 2.24
N GLY A 32 -4.52 -1.39 1.20
CA GLY A 32 -3.29 -1.14 0.46
C GLY A 32 -3.42 -1.43 -1.02
N ARG A 33 -2.32 -1.22 -1.74
CA ARG A 33 -2.29 -1.35 -3.19
C ARG A 33 -0.84 -1.58 -3.66
N CYS A 34 -0.68 -2.33 -4.74
CA CYS A 34 0.61 -2.49 -5.40
C CYS A 34 0.46 -2.15 -6.87
N ARG A 35 1.19 -1.13 -7.33
CA ARG A 35 0.94 -0.58 -8.66
C ARG A 35 2.03 0.40 -9.09
N GLY A 36 2.12 0.64 -10.39
CA GLY A 36 2.87 1.74 -10.93
C GLY A 36 4.37 1.54 -10.94
N PHE A 37 5.08 2.53 -10.39
CA PHE A 37 6.54 2.61 -10.48
C PHE A 37 7.22 1.35 -9.95
N ARG A 38 7.67 0.50 -10.87
CA ARG A 38 8.43 -0.70 -10.51
C ARG A 38 7.63 -1.60 -9.56
N ARG A 39 6.30 -1.53 -9.67
CA ARG A 39 5.41 -2.29 -8.79
C ARG A 39 5.55 -1.74 -7.37
N ARG A 40 5.16 -0.48 -7.21
CA ARG A 40 5.40 0.26 -5.99
C ARG A 40 4.31 0.01 -4.95
N CYS A 41 4.67 0.17 -3.69
CA CYS A 41 3.73 0.05 -2.57
C CYS A 41 2.91 1.33 -2.41
N PHE A 42 1.60 1.16 -2.47
CA PHE A 42 0.64 2.24 -2.23
C PHE A 42 -0.30 1.83 -1.09
N CYS A 43 -0.77 2.80 -0.32
CA CYS A 43 -1.73 2.52 0.76
C CYS A 43 -3.04 3.23 0.49
N THR A 44 -4.16 2.60 0.83
CA THR A 44 -5.48 3.17 0.56
C THR A 44 -6.19 3.48 1.88
N THR A 45 -6.78 4.66 1.97
CA THR A 45 -7.45 5.11 3.18
C THR A 45 -8.74 5.83 2.81
N HIS A 46 -9.54 6.12 3.83
CA HIS A 46 -10.83 6.78 3.64
C HIS A 46 -10.69 8.29 3.74
N CYS A 47 -11.34 8.99 2.83
CA CYS A 47 -11.44 10.45 2.90
C CYS A 47 -12.91 10.84 3.12
N ARG A 1 -15.60 8.97 -1.18
CA ARG A 1 -14.39 9.72 -0.76
C ARG A 1 -13.28 8.76 -0.35
N THR A 2 -12.54 8.26 -1.34
CA THR A 2 -11.43 7.35 -1.11
C THR A 2 -10.17 7.90 -1.81
N CYS A 3 -9.10 8.07 -1.04
CA CYS A 3 -7.87 8.68 -1.56
C CYS A 3 -6.74 7.65 -1.54
N GLU A 4 -5.75 7.85 -2.41
CA GLU A 4 -4.59 6.96 -2.47
C GLU A 4 -3.32 7.72 -2.07
N SER A 5 -2.31 6.98 -1.64
CA SER A 5 -1.07 7.57 -1.17
C SER A 5 0.09 6.61 -1.42
N GLN A 6 1.30 7.04 -1.09
CA GLN A 6 2.51 6.26 -1.31
C GLN A 6 3.15 5.87 0.02
N SER A 7 3.58 4.61 0.13
CA SER A 7 4.18 4.13 1.36
C SER A 7 5.55 3.51 1.08
N HIS A 8 6.59 4.15 1.62
CA HIS A 8 7.94 3.58 1.60
C HIS A 8 8.21 2.89 2.94
N LYS A 9 7.15 2.74 3.72
CA LYS A 9 7.21 2.09 5.03
C LYS A 9 7.48 0.61 4.85
N PHE A 10 6.84 0.01 3.85
CA PHE A 10 7.08 -1.38 3.50
C PHE A 10 8.52 -1.52 3.00
N LYS A 11 9.36 -2.14 3.81
CA LYS A 11 10.79 -2.19 3.55
C LYS A 11 11.11 -3.22 2.47
N GLY A 12 11.53 -2.71 1.32
CA GLY A 12 11.85 -3.56 0.18
C GLY A 12 10.69 -3.62 -0.81
N PRO A 13 10.95 -4.06 -2.06
CA PRO A 13 9.89 -4.20 -3.08
C PRO A 13 8.83 -5.21 -2.63
N CYS A 14 7.56 -4.89 -2.87
CA CYS A 14 6.47 -5.76 -2.43
C CYS A 14 6.48 -7.07 -3.20
N ALA A 15 7.07 -8.09 -2.58
CA ALA A 15 7.11 -9.43 -3.15
C ALA A 15 5.71 -10.02 -3.26
N SER A 16 4.83 -9.60 -2.34
CA SER A 16 3.47 -10.10 -2.31
C SER A 16 2.50 -8.99 -1.88
N ASP A 17 1.46 -8.78 -2.69
CA ASP A 17 0.42 -7.80 -2.40
C ASP A 17 -0.23 -8.09 -1.05
N HIS A 18 -0.23 -9.37 -0.68
CA HIS A 18 -0.67 -9.80 0.65
C HIS A 18 0.07 -9.01 1.73
N ASN A 19 1.39 -9.10 1.69
CA ASN A 19 2.24 -8.47 2.70
C ASN A 19 2.08 -6.96 2.63
N CYS A 20 2.13 -6.44 1.41
CA CYS A 20 1.98 -5.00 1.18
C CYS A 20 0.67 -4.49 1.77
N ALA A 21 -0.41 -5.22 1.50
CA ALA A 21 -1.74 -4.88 1.98
C ALA A 21 -1.82 -4.99 3.51
N SER A 22 -1.27 -6.07 4.06
CA SER A 22 -1.32 -6.31 5.50
C SER A 22 -0.66 -5.15 6.26
N VAL A 23 0.54 -4.78 5.82
CA VAL A 23 1.25 -3.66 6.44
C VAL A 23 0.47 -2.36 6.24
N CYS A 24 0.06 -2.11 5.00
CA CYS A 24 -0.73 -0.93 4.67
C CYS A 24 -2.01 -0.86 5.50
N GLN A 25 -2.53 -2.02 5.88
CA GLN A 25 -3.73 -2.09 6.71
C GLN A 25 -3.40 -1.73 8.16
N THR A 26 -2.34 -2.34 8.70
CA THR A 26 -1.95 -2.07 10.09
C THR A 26 -1.64 -0.59 10.27
N GLU A 27 -1.17 0.07 9.20
CA GLU A 27 -0.99 1.52 9.22
C GLU A 27 -2.33 2.24 8.99
N ARG A 28 -2.96 1.91 7.87
CA ARG A 28 -4.22 2.52 7.45
C ARG A 28 -5.27 1.43 7.19
N PHE A 29 -6.06 1.11 8.21
CA PHE A 29 -7.09 0.08 8.07
C PHE A 29 -8.12 0.47 7.02
N SER A 30 -7.83 0.11 5.78
CA SER A 30 -8.68 0.42 4.64
C SER A 30 -8.31 -0.44 3.43
N GLY A 31 -7.37 0.03 2.59
CA GLY A 31 -6.91 -0.77 1.47
C GLY A 31 -5.45 -0.53 1.13
N GLY A 32 -4.78 -1.55 0.60
CA GLY A 32 -3.39 -1.44 0.21
C GLY A 32 -3.09 -2.29 -1.00
N ARG A 33 -2.15 -1.84 -1.84
CA ARG A 33 -1.82 -2.56 -3.07
C ARG A 33 -0.46 -2.07 -3.61
N CYS A 34 -0.02 -2.63 -4.74
CA CYS A 34 1.22 -2.22 -5.38
C CYS A 34 0.91 -1.59 -6.73
N ARG A 35 1.22 -0.31 -6.87
CA ARG A 35 0.93 0.43 -8.10
C ARG A 35 2.23 0.85 -8.77
N GLY A 36 2.46 0.31 -9.94
CA GLY A 36 3.65 0.61 -10.70
C GLY A 36 4.53 -0.62 -10.92
N PHE A 37 5.31 -0.60 -11.98
CA PHE A 37 6.16 -1.73 -12.34
C PHE A 37 7.20 -2.02 -11.25
N ARG A 38 7.61 -0.98 -10.54
CA ARG A 38 8.67 -1.11 -9.54
C ARG A 38 8.15 -1.64 -8.20
N ARG A 39 6.94 -2.21 -8.21
CA ARG A 39 6.38 -2.86 -7.01
C ARG A 39 6.20 -1.86 -5.87
N ARG A 40 5.97 -0.60 -6.21
CA ARG A 40 5.84 0.45 -5.21
C ARG A 40 4.47 0.36 -4.53
N CYS A 41 4.50 0.27 -3.19
CA CYS A 41 3.28 0.10 -2.41
C CYS A 41 2.49 1.41 -2.27
N PHE A 42 1.26 1.39 -2.74
CA PHE A 42 0.35 2.52 -2.60
C PHE A 42 -0.82 2.11 -1.71
N CYS A 43 -1.33 3.05 -0.94
CA CYS A 43 -2.41 2.78 0.00
C CYS A 43 -3.67 3.53 -0.39
N THR A 44 -4.80 2.88 -0.22
CA THR A 44 -6.11 3.47 -0.46
C THR A 44 -6.86 3.56 0.86
N THR A 45 -7.12 4.78 1.30
CA THR A 45 -7.72 5.01 2.61
C THR A 45 -8.92 5.95 2.47
N HIS A 46 -9.78 5.93 3.48
CA HIS A 46 -10.96 6.80 3.49
C HIS A 46 -10.51 8.24 3.72
N CYS A 47 -10.95 9.14 2.84
CA CYS A 47 -10.52 10.54 2.91
C CYS A 47 -11.18 11.26 4.10
N ARG A 1 -15.42 8.99 -3.06
CA ARG A 1 -14.21 9.81 -2.85
C ARG A 1 -13.02 8.91 -2.56
N THR A 2 -12.15 8.74 -3.54
CA THR A 2 -10.98 7.90 -3.39
C THR A 2 -9.73 8.74 -3.20
N CYS A 3 -9.10 8.62 -2.04
CA CYS A 3 -7.84 9.29 -1.75
C CYS A 3 -6.76 8.25 -1.50
N GLU A 4 -5.67 8.33 -2.27
CA GLU A 4 -4.60 7.34 -2.20
C GLU A 4 -3.28 8.00 -1.82
N SER A 5 -2.34 7.16 -1.38
CA SER A 5 -1.01 7.61 -1.00
C SER A 5 -0.02 6.50 -1.32
N GLN A 6 1.24 6.69 -0.94
CA GLN A 6 2.30 5.74 -1.24
C GLN A 6 2.82 5.11 0.06
N SER A 7 3.18 3.83 0.00
CA SER A 7 3.65 3.11 1.18
C SER A 7 5.11 2.71 1.02
N HIS A 8 5.99 3.46 1.68
CA HIS A 8 7.43 3.23 1.63
C HIS A 8 7.93 2.63 2.95
N LYS A 9 7.04 2.53 3.93
CA LYS A 9 7.39 1.90 5.21
C LYS A 9 7.64 0.41 5.03
N PHE A 10 6.98 -0.16 4.04
CA PHE A 10 7.12 -1.57 3.76
C PHE A 10 8.57 -1.92 3.46
N LYS A 11 9.03 -3.03 4.03
CA LYS A 11 10.43 -3.42 3.93
C LYS A 11 10.80 -3.83 2.50
N GLY A 12 11.15 -2.85 1.69
CA GLY A 12 11.57 -3.10 0.33
C GLY A 12 10.42 -3.05 -0.65
N PRO A 13 10.65 -3.40 -1.92
CA PRO A 13 9.60 -3.44 -2.95
C PRO A 13 8.50 -4.44 -2.63
N CYS A 14 7.36 -4.29 -3.28
CA CYS A 14 6.21 -5.16 -3.06
C CYS A 14 6.56 -6.63 -3.30
N ALA A 15 6.97 -7.33 -2.24
CA ALA A 15 7.19 -8.77 -2.29
C ALA A 15 5.85 -9.46 -2.56
N SER A 16 4.82 -8.99 -1.89
CA SER A 16 3.46 -9.48 -2.08
C SER A 16 2.46 -8.39 -1.72
N ASP A 17 1.45 -8.22 -2.56
CA ASP A 17 0.40 -7.24 -2.32
C ASP A 17 -0.24 -7.47 -0.97
N HIS A 18 -0.47 -8.74 -0.66
CA HIS A 18 -1.06 -9.13 0.61
C HIS A 18 -0.22 -8.58 1.76
N ASN A 19 1.10 -8.65 1.58
CA ASN A 19 2.04 -8.19 2.60
C ASN A 19 1.95 -6.70 2.79
N CYS A 20 2.12 -5.95 1.69
CA CYS A 20 2.12 -4.50 1.75
C CYS A 20 0.77 -4.00 2.27
N ALA A 21 -0.30 -4.63 1.80
CA ALA A 21 -1.66 -4.29 2.22
C ALA A 21 -1.83 -4.55 3.71
N SER A 22 -1.41 -5.73 4.15
CA SER A 22 -1.54 -6.13 5.55
C SER A 22 -0.83 -5.11 6.45
N VAL A 23 0.40 -4.77 6.08
CA VAL A 23 1.18 -3.78 6.82
C VAL A 23 0.46 -2.43 6.82
N CYS A 24 0.05 -1.99 5.64
CA CYS A 24 -0.64 -0.72 5.50
C CYS A 24 -1.93 -0.72 6.33
N GLN A 25 -2.50 -1.92 6.53
CA GLN A 25 -3.72 -2.08 7.33
C GLN A 25 -3.40 -2.24 8.81
N THR A 26 -2.17 -2.66 9.14
CA THR A 26 -1.75 -2.76 10.53
C THR A 26 -1.41 -1.39 11.07
N GLU A 27 -0.93 -0.51 10.19
CA GLU A 27 -0.62 0.86 10.59
C GLU A 27 -1.83 1.80 10.42
N ARG A 28 -2.58 1.62 9.34
CA ARG A 28 -3.69 2.52 9.01
C ARG A 28 -4.87 1.74 8.42
N PHE A 29 -5.97 2.43 8.18
CA PHE A 29 -7.10 1.87 7.43
C PHE A 29 -7.06 2.39 6.01
N SER A 30 -6.39 1.62 5.17
CA SER A 30 -6.16 1.99 3.78
C SER A 30 -5.70 0.76 3.02
N GLY A 31 -6.52 0.33 2.07
CA GLY A 31 -6.21 -0.85 1.29
C GLY A 31 -4.89 -0.71 0.55
N GLY A 32 -4.16 -1.81 0.42
CA GLY A 32 -2.84 -1.75 -0.20
C GLY A 32 -2.78 -2.51 -1.50
N ARG A 33 -2.20 -1.88 -2.50
CA ARG A 33 -2.07 -2.46 -3.84
C ARG A 33 -0.64 -2.20 -4.33
N CYS A 34 -0.17 -2.94 -5.34
CA CYS A 34 1.20 -2.81 -5.81
C CYS A 34 1.22 -2.27 -7.24
N ARG A 35 2.15 -1.35 -7.50
CA ARG A 35 2.25 -0.65 -8.77
C ARG A 35 3.70 -0.59 -9.24
N GLY A 36 3.92 -0.17 -10.47
CA GLY A 36 5.26 -0.07 -11.01
C GLY A 36 5.98 -1.42 -11.03
N PHE A 37 5.21 -2.49 -11.24
CA PHE A 37 5.75 -3.85 -11.30
C PHE A 37 6.62 -4.16 -10.08
N ARG A 38 5.96 -4.47 -8.95
CA ARG A 38 6.63 -4.76 -7.67
C ARG A 38 7.31 -3.52 -7.05
N ARG A 39 7.82 -2.61 -7.87
CA ARG A 39 8.69 -1.53 -7.38
C ARG A 39 7.96 -0.58 -6.42
N ARG A 40 6.70 -0.28 -6.71
CA ARG A 40 5.92 0.66 -5.89
C ARG A 40 4.79 -0.03 -5.16
N CYS A 41 4.32 0.60 -4.10
CA CYS A 41 3.12 0.17 -3.38
C CYS A 41 2.31 1.41 -3.00
N PHE A 42 0.99 1.32 -3.14
CA PHE A 42 0.11 2.45 -2.87
C PHE A 42 -1.05 2.02 -1.98
N CYS A 43 -1.50 2.92 -1.12
CA CYS A 43 -2.61 2.66 -0.22
C CYS A 43 -3.79 3.56 -0.55
N THR A 44 -4.99 2.97 -0.61
CA THR A 44 -6.22 3.71 -0.88
C THR A 44 -7.13 3.65 0.34
N THR A 45 -7.54 4.83 0.81
CA THR A 45 -8.37 4.94 2.00
C THR A 45 -9.71 5.58 1.65
N HIS A 46 -10.74 5.24 2.43
CA HIS A 46 -12.04 5.86 2.27
C HIS A 46 -11.96 7.33 2.65
N CYS A 47 -11.78 8.18 1.66
CA CYS A 47 -11.58 9.61 1.87
C CYS A 47 -12.81 10.21 2.58
#